data_5DQP
#
_entry.id   5DQP
#
_cell.length_a   87.332
_cell.length_b   87.332
_cell.length_c   262.704
_cell.angle_alpha   90.00
_cell.angle_beta   90.00
_cell.angle_gamma   90.00
#
_symmetry.space_group_name_H-M   'P 43 2 2'
#
loop_
_entity.id
_entity.type
_entity.pdbx_description
1 polymer 'EDTA monooxygenase'
2 non-polymer 2-{2-[2-(2-{2-[2-(2-ETHOXY-ETHOXY)-ETHOXY]-ETHOXY}-ETHOXY)-ETHOXY]-ETHOXY}-ETHANOL
3 non-polymer 'SULFATE ION'
4 water water
#
_entity_poly.entity_id   1
_entity_poly.type   'polypeptide(L)'
_entity_poly.pdbx_seq_one_letter_code
;MRKRRMYLVSWLNSSGVLPNSWNEGRGNRARIFDLENYIRSAEIARRGRIDAFFLADQPQLTPNPKVRPEYPFDPIVLAA
AITGRVPDIGGIVTASTSFSLPYTLARQIASVNLLSGGRIGWNAVTTANPAVAANYGAAIATHDNRYERAEEFLEVVHGL
WNSWKFPWDEAIGPNPNPFGEVMPINHEGKYFKVAGPLNVPLPPYGPPVVVQAGGSDQGKRLASRFGEIIYAFLGSKPAG
RRFVAEARAAARAQGRPEGSTLVLPSFVPLIGSTEAEVKRLVAEYEAGLDPAEQRIEALSKQLGIDLERINVDQVLQEKD
FNLPKESATPIGILKSMVDVALDEKLSLRQLALRMRLIAGTPDQVADRLIDWWQDEAADGFVINAPLLPDALEIFVDQVV
PILQSRGVFPRSYTESTLRERLGLPRNPLG
;
_entity_poly.pdbx_strand_id   A,B
#
loop_
_chem_comp.id
_chem_comp.type
_chem_comp.name
_chem_comp.formula
PE4 non-polymer 2-{2-[2-(2-{2-[2-(2-ETHOXY-ETHOXY)-ETHOXY]-ETHOXY}-ETHOXY)-ETHOXY]-ETHOXY}-ETHANOL 'C16 H34 O8'
SO4 non-polymer 'SULFATE ION' 'O4 S -2'
#
# COMPACT_ATOMS: atom_id res chain seq x y z
N ARG A 4 -5.07 33.80 2.13
CA ARG A 4 -5.10 32.87 1.01
C ARG A 4 -3.70 32.75 0.38
N ARG A 5 -3.25 31.52 0.15
CA ARG A 5 -1.96 31.28 -0.48
C ARG A 5 -2.12 30.17 -1.51
N MET A 6 -1.11 30.03 -2.36
CA MET A 6 -1.09 29.05 -3.45
C MET A 6 -0.68 27.66 -2.94
N TYR A 7 -1.36 26.62 -3.42
CA TYR A 7 -0.99 25.24 -3.08
C TYR A 7 -0.29 24.60 -4.27
N LEU A 8 0.66 23.70 -3.98
CA LEU A 8 1.43 23.01 -5.02
C LEU A 8 1.51 21.53 -4.73
N VAL A 9 1.28 20.71 -5.76
CA VAL A 9 1.38 19.26 -5.67
C VAL A 9 2.26 18.78 -6.81
N SER A 10 3.11 17.78 -6.54
CA SER A 10 4.07 17.31 -7.54
C SER A 10 3.80 15.85 -7.90
N TRP A 11 3.55 15.61 -9.19
N TRP A 11 3.52 15.61 -9.19
CA TRP A 11 3.46 14.26 -9.75
CA TRP A 11 3.49 14.23 -9.66
C TRP A 11 4.78 13.51 -9.51
C TRP A 11 4.80 13.56 -9.32
N LEU A 12 4.72 12.29 -8.96
CA LEU A 12 5.91 11.56 -8.59
C LEU A 12 6.11 10.23 -9.33
N ASN A 13 5.26 9.90 -10.28
CA ASN A 13 5.33 8.57 -10.91
C ASN A 13 6.62 8.34 -11.69
N SER A 14 7.21 7.17 -11.47
CA SER A 14 8.17 6.55 -12.41
C SER A 14 9.30 7.53 -12.70
N SER A 15 9.65 7.78 -13.97
CA SER A 15 10.85 8.53 -14.32
C SER A 15 10.55 9.95 -14.77
N GLY A 16 9.29 10.35 -14.76
CA GLY A 16 8.87 11.58 -15.39
C GLY A 16 7.71 11.34 -16.33
N VAL A 17 7.07 12.46 -16.73
CA VAL A 17 5.90 12.38 -17.60
C VAL A 17 6.29 12.09 -19.05
N LEU A 18 7.47 12.54 -19.50
CA LEU A 18 7.82 12.28 -20.90
C LEU A 18 8.07 10.79 -21.13
N PRO A 19 7.64 10.23 -22.26
CA PRO A 19 7.72 8.78 -22.46
C PRO A 19 9.14 8.22 -22.49
N ASN A 20 10.13 8.98 -22.94
CA ASN A 20 11.50 8.50 -22.92
C ASN A 20 12.25 8.88 -21.65
N SER A 21 11.55 9.35 -20.60
CA SER A 21 12.24 9.94 -19.46
C SER A 21 13.14 8.93 -18.77
N TRP A 22 12.82 7.63 -18.87
CA TRP A 22 13.67 6.70 -18.14
C TRP A 22 15.01 6.45 -18.79
N ASN A 23 15.21 6.92 -20.03
CA ASN A 23 16.51 6.92 -20.67
C ASN A 23 17.25 8.27 -20.52
N GLU A 24 16.68 9.23 -19.79
CA GLU A 24 17.26 10.56 -19.58
C GLU A 24 17.93 10.62 -18.20
N GLY A 25 18.45 11.80 -17.85
CA GLY A 25 19.22 11.89 -16.63
C GLY A 25 20.42 10.97 -16.73
N ARG A 26 20.67 10.17 -15.69
CA ARG A 26 21.78 9.24 -15.78
C ARG A 26 21.44 7.98 -16.60
N GLY A 27 20.22 7.85 -17.07
CA GLY A 27 19.88 6.85 -18.08
C GLY A 27 19.72 5.43 -17.59
N ASN A 28 19.55 5.20 -16.29
CA ASN A 28 19.37 3.84 -15.75
C ASN A 28 17.87 3.54 -15.70
N ARG A 29 17.37 2.79 -16.67
CA ARG A 29 15.94 2.54 -16.70
C ARG A 29 15.45 1.86 -15.42
N ALA A 30 16.31 1.08 -14.77
CA ALA A 30 15.90 0.32 -13.60
C ALA A 30 15.69 1.18 -12.35
N ARG A 31 15.98 2.49 -12.38
CA ARG A 31 15.77 3.31 -11.20
C ARG A 31 14.30 3.51 -10.86
N ILE A 32 13.39 3.28 -11.81
CA ILE A 32 11.97 3.41 -11.46
C ILE A 32 11.49 2.29 -10.55
N PHE A 33 12.31 1.27 -10.34
CA PHE A 33 11.99 0.19 -9.42
C PHE A 33 12.74 0.30 -8.10
N ASP A 34 13.35 1.44 -7.82
CA ASP A 34 14.17 1.64 -6.64
C ASP A 34 13.50 2.67 -5.73
N LEU A 35 13.24 2.28 -4.49
CA LEU A 35 12.62 3.20 -3.55
C LEU A 35 13.38 4.52 -3.45
N GLU A 36 14.71 4.47 -3.50
CA GLU A 36 15.50 5.69 -3.36
C GLU A 36 15.23 6.67 -4.50
N ASN A 37 14.86 6.17 -5.67
CA ASN A 37 14.43 7.07 -6.74
C ASN A 37 13.26 7.94 -6.28
N TYR A 38 12.34 7.38 -5.51
CA TYR A 38 11.19 8.17 -5.05
C TYR A 38 11.52 8.96 -3.80
N ILE A 39 12.37 8.43 -2.93
CA ILE A 39 12.81 9.21 -1.77
C ILE A 39 13.47 10.49 -2.25
N ARG A 40 14.39 10.36 -3.22
CA ARG A 40 15.08 11.53 -3.74
C ARG A 40 14.09 12.59 -4.19
N SER A 41 13.06 12.19 -4.94
CA SER A 41 12.11 13.17 -5.43
C SER A 41 11.24 13.72 -4.31
N ALA A 42 10.86 12.87 -3.35
CA ALA A 42 10.00 13.38 -2.28
C ALA A 42 10.77 14.33 -1.37
N GLU A 43 12.06 14.05 -1.14
CA GLU A 43 12.90 14.96 -0.34
C GLU A 43 13.17 16.28 -1.07
N ILE A 44 13.24 16.26 -2.41
CA ILE A 44 13.31 17.52 -3.14
C ILE A 44 12.01 18.32 -2.95
N ALA A 45 10.85 17.67 -3.10
CA ALA A 45 9.60 18.38 -2.90
C ALA A 45 9.47 18.88 -1.46
N ARG A 46 9.94 18.10 -0.49
CA ARG A 46 9.90 18.52 0.91
C ARG A 46 10.73 19.78 1.14
N ARG A 47 11.93 19.81 0.55
CA ARG A 47 12.78 21.01 0.64
C ARG A 47 12.09 22.24 0.03
N GLY A 48 11.28 22.06 -1.01
CA GLY A 48 10.49 23.15 -1.54
C GLY A 48 9.22 23.48 -0.79
N ARG A 49 8.90 22.75 0.27
CA ARG A 49 7.62 22.87 0.97
C ARG A 49 6.42 22.55 0.07
N ILE A 50 6.61 21.74 -0.97
CA ILE A 50 5.46 21.27 -1.73
C ILE A 50 4.47 20.67 -0.76
N ASP A 51 3.16 20.90 -0.99
CA ASP A 51 2.18 20.42 -0.04
C ASP A 51 2.04 18.90 -0.07
N ALA A 52 2.09 18.29 -1.25
CA ALA A 52 1.98 16.83 -1.32
C ALA A 52 2.56 16.33 -2.64
N PHE A 53 3.05 15.09 -2.64
CA PHE A 53 3.29 14.43 -3.91
C PHE A 53 2.00 13.74 -4.35
N PHE A 54 1.97 13.37 -5.63
CA PHE A 54 0.82 12.68 -6.19
C PHE A 54 1.29 11.49 -7.01
N LEU A 55 0.59 10.38 -6.86
CA LEU A 55 0.83 9.17 -7.62
C LEU A 55 -0.43 8.82 -8.40
N ALA A 56 -0.34 8.88 -9.72
CA ALA A 56 -1.37 8.33 -10.58
C ALA A 56 -1.26 6.81 -10.57
N ASP A 57 -2.33 6.13 -10.97
CA ASP A 57 -2.25 4.68 -11.04
C ASP A 57 -3.32 4.10 -11.95
N GLN A 58 -2.95 3.02 -12.64
CA GLN A 58 -3.89 2.12 -13.29
C GLN A 58 -3.31 0.73 -13.05
N PRO A 59 -4.12 -0.23 -12.62
CA PRO A 59 -3.61 -1.62 -12.51
C PRO A 59 -3.61 -2.34 -13.84
N GLN A 60 -2.68 -1.94 -14.72
CA GLN A 60 -2.33 -2.66 -15.94
C GLN A 60 -0.90 -2.29 -16.32
N LEU A 61 -0.26 -3.15 -17.12
CA LEU A 61 1.01 -2.89 -17.76
C LEU A 61 0.81 -2.60 -19.25
N THR A 62 1.39 -1.49 -19.72
CA THR A 62 1.41 -1.21 -21.17
C THR A 62 2.84 -1.29 -21.67
N PRO A 63 3.25 -2.41 -22.22
CA PRO A 63 4.66 -2.60 -22.51
C PRO A 63 5.10 -2.04 -23.87
N ASN A 64 4.66 -0.83 -24.18
CA ASN A 64 5.10 -0.08 -25.34
C ASN A 64 6.59 0.22 -25.22
N PRO A 65 7.44 -0.35 -26.08
CA PRO A 65 8.89 -0.11 -25.96
C PRO A 65 9.29 1.36 -26.01
N LYS A 66 8.45 2.24 -26.52
CA LYS A 66 8.79 3.65 -26.61
C LYS A 66 8.27 4.47 -25.43
N VAL A 67 7.65 3.84 -24.44
CA VAL A 67 7.00 4.61 -23.36
C VAL A 67 7.35 3.98 -22.02
N ARG A 68 8.04 4.74 -21.18
CA ARG A 68 8.32 4.27 -19.84
C ARG A 68 7.03 3.79 -19.17
N PRO A 69 7.09 2.74 -18.35
CA PRO A 69 5.89 2.33 -17.59
C PRO A 69 5.57 3.38 -16.54
N GLU A 70 4.34 3.86 -16.53
CA GLU A 70 3.96 4.96 -15.65
C GLU A 70 3.69 4.50 -14.22
N TYR A 71 3.25 3.26 -14.06
CA TYR A 71 2.78 2.73 -12.79
C TYR A 71 3.61 1.51 -12.36
N PRO A 72 4.90 1.70 -12.06
CA PRO A 72 5.71 0.52 -11.69
C PRO A 72 5.34 -0.11 -10.33
N PHE A 73 4.58 0.58 -9.47
CA PHE A 73 4.26 0.08 -8.13
C PHE A 73 2.84 0.46 -7.74
N ASP A 74 2.24 -0.37 -6.89
CA ASP A 74 1.00 0.03 -6.23
C ASP A 74 1.22 1.33 -5.48
N PRO A 75 0.34 2.31 -5.62
CA PRO A 75 0.61 3.64 -5.07
C PRO A 75 0.42 3.72 -3.57
N ILE A 76 -0.50 2.94 -3.00
CA ILE A 76 -0.67 2.92 -1.55
C ILE A 76 0.59 2.39 -0.88
N VAL A 77 1.15 1.28 -1.42
CA VAL A 77 2.41 0.71 -0.90
C VAL A 77 3.56 1.72 -1.04
N LEU A 78 3.73 2.29 -2.24
CA LEU A 78 4.78 3.29 -2.44
C LEU A 78 4.62 4.47 -1.48
N ALA A 79 3.39 5.02 -1.35
CA ALA A 79 3.23 6.16 -0.46
C ALA A 79 3.52 5.80 1.01
N ALA A 80 3.23 4.56 1.41
CA ALA A 80 3.59 4.12 2.76
C ALA A 80 5.10 4.09 2.97
N ALA A 81 5.85 3.59 1.99
CA ALA A 81 7.30 3.50 2.14
C ALA A 81 7.94 4.88 2.10
N ILE A 82 7.52 5.71 1.15
CA ILE A 82 8.01 7.08 1.09
C ILE A 82 7.80 7.80 2.43
N THR A 83 6.55 7.88 2.88
CA THR A 83 6.29 8.69 4.07
C THR A 83 6.79 8.02 5.35
N GLY A 84 7.02 6.71 5.34
CA GLY A 84 7.76 6.11 6.43
C GLY A 84 9.13 6.73 6.60
N ARG A 85 9.70 7.28 5.53
CA ARG A 85 11.06 7.78 5.47
C ARG A 85 11.17 9.30 5.39
N VAL A 86 10.27 9.95 4.65
CA VAL A 86 10.33 11.40 4.43
C VAL A 86 9.22 12.05 5.26
N PRO A 87 9.54 12.91 6.21
CA PRO A 87 8.51 13.60 7.00
C PRO A 87 7.87 14.76 6.24
N ASP A 88 6.80 15.30 6.84
CA ASP A 88 6.19 16.58 6.44
C ASP A 88 5.32 16.49 5.19
N ILE A 89 5.91 16.08 4.07
CA ILE A 89 5.20 16.25 2.82
C ILE A 89 4.02 15.29 2.76
N GLY A 90 2.89 15.79 2.27
CA GLY A 90 1.74 14.94 2.07
C GLY A 90 1.90 14.05 0.84
N GLY A 91 0.91 13.18 0.66
CA GLY A 91 0.89 12.31 -0.49
C GLY A 91 -0.54 12.05 -0.90
N ILE A 92 -0.78 11.95 -2.20
CA ILE A 92 -2.10 11.68 -2.74
C ILE A 92 -1.94 10.46 -3.64
N VAL A 93 -2.72 9.42 -3.35
CA VAL A 93 -2.61 8.16 -4.08
C VAL A 93 -3.91 7.88 -4.84
N THR A 94 -3.75 7.37 -6.06
CA THR A 94 -4.88 7.00 -6.90
C THR A 94 -5.31 5.57 -6.61
N ALA A 95 -6.61 5.37 -6.41
CA ALA A 95 -7.14 4.01 -6.45
C ALA A 95 -8.57 4.03 -6.99
N SER A 96 -8.94 2.96 -7.69
CA SER A 96 -10.18 2.90 -8.46
C SER A 96 -11.37 2.47 -7.61
N THR A 97 -12.52 3.10 -7.84
CA THR A 97 -13.75 2.58 -7.24
C THR A 97 -14.33 1.41 -8.02
N SER A 98 -13.81 1.14 -9.22
CA SER A 98 -14.38 0.10 -10.08
C SER A 98 -13.88 -1.27 -9.69
N PHE A 99 -12.62 -1.39 -9.37
CA PHE A 99 -12.00 -2.63 -9.05
C PHE A 99 -11.19 -2.49 -7.77
N SER A 100 -11.89 -2.18 -6.73
CA SER A 100 -11.40 -2.25 -5.36
C SER A 100 -12.53 -2.77 -4.49
N LEU A 101 -12.17 -3.46 -3.42
CA LEU A 101 -13.14 -3.77 -2.37
C LEU A 101 -13.20 -2.60 -1.38
N PRO A 102 -14.39 -2.05 -1.11
CA PRO A 102 -14.48 -0.85 -0.25
C PRO A 102 -13.88 -1.01 1.13
N TYR A 103 -14.03 -2.19 1.75
CA TYR A 103 -13.51 -2.30 3.10
C TYR A 103 -12.00 -2.32 3.08
N THR A 104 -11.42 -3.03 2.11
CA THR A 104 -9.98 -3.02 1.93
C THR A 104 -9.47 -1.62 1.63
N LEU A 105 -10.08 -0.94 0.67
CA LEU A 105 -9.60 0.41 0.32
C LEU A 105 -9.74 1.38 1.48
N ALA A 106 -10.91 1.39 2.15
CA ALA A 106 -11.10 2.26 3.30
C ALA A 106 -9.99 2.06 4.34
N ARG A 107 -9.70 0.79 4.60
CA ARG A 107 -8.75 0.39 5.63
C ARG A 107 -7.31 0.72 5.23
N GLN A 108 -6.98 0.57 3.94
CA GLN A 108 -5.62 0.82 3.51
C GLN A 108 -5.32 2.32 3.41
N ILE A 109 -6.24 3.12 2.89
CA ILE A 109 -6.04 4.57 2.91
C ILE A 109 -6.03 5.08 4.36
N ALA A 110 -6.93 4.57 5.21
CA ALA A 110 -6.98 5.05 6.59
C ALA A 110 -5.74 4.65 7.35
N SER A 111 -5.19 3.48 7.06
CA SER A 111 -3.95 3.05 7.71
C SER A 111 -2.81 3.96 7.31
N VAL A 112 -2.66 4.24 6.00
CA VAL A 112 -1.47 4.96 5.59
C VAL A 112 -1.59 6.39 6.07
N ASN A 113 -2.81 6.92 6.11
CA ASN A 113 -3.01 8.27 6.61
C ASN A 113 -2.60 8.37 8.07
N LEU A 114 -3.18 7.50 8.90
CA LEU A 114 -2.88 7.47 10.34
C LEU A 114 -1.41 7.18 10.59
N LEU A 115 -0.85 6.18 9.91
CA LEU A 115 0.55 5.85 10.11
C LEU A 115 1.48 6.99 9.74
N SER A 116 1.11 7.80 8.74
CA SER A 116 1.98 8.91 8.35
C SER A 116 1.77 10.16 9.19
N GLY A 117 0.86 10.14 10.14
CA GLY A 117 0.55 11.36 10.85
C GLY A 117 -0.49 12.23 10.18
N GLY A 118 -1.29 11.67 9.27
CA GLY A 118 -2.35 12.45 8.62
C GLY A 118 -1.93 13.08 7.32
N ARG A 119 -0.97 12.48 6.63
CA ARG A 119 -0.39 13.08 5.45
C ARG A 119 -0.88 12.53 4.10
N ILE A 120 -1.84 11.59 4.07
CA ILE A 120 -2.18 10.87 2.83
C ILE A 120 -3.62 11.15 2.41
N GLY A 121 -3.82 11.56 1.16
CA GLY A 121 -5.13 11.64 0.55
C GLY A 121 -5.34 10.57 -0.53
N TRP A 122 -6.56 10.54 -1.06
CA TRP A 122 -6.97 9.51 -2.01
C TRP A 122 -7.62 10.16 -3.21
N ASN A 123 -7.03 9.97 -4.39
CA ASN A 123 -7.61 10.37 -5.68
C ASN A 123 -8.53 9.24 -6.11
N ALA A 124 -9.85 9.41 -5.96
CA ALA A 124 -10.79 8.33 -6.21
C ALA A 124 -11.19 8.39 -7.68
N VAL A 125 -10.83 7.37 -8.46
CA VAL A 125 -11.09 7.40 -9.89
C VAL A 125 -12.04 6.25 -10.25
N THR A 126 -12.60 6.31 -11.45
CA THR A 126 -13.27 5.17 -12.03
C THR A 126 -12.41 4.62 -13.15
N THR A 127 -12.69 3.38 -13.54
CA THR A 127 -11.87 2.71 -14.54
C THR A 127 -12.62 2.61 -15.86
N ALA A 128 -12.02 3.17 -16.90
CA ALA A 128 -12.53 3.00 -18.24
C ALA A 128 -11.59 2.19 -19.13
N ASN A 129 -10.38 1.87 -18.67
CA ASN A 129 -9.44 1.13 -19.49
C ASN A 129 -9.79 -0.36 -19.48
N PRO A 130 -10.20 -0.93 -20.62
CA PRO A 130 -10.57 -2.36 -20.63
C PRO A 130 -9.44 -3.32 -20.30
N ALA A 131 -8.17 -2.91 -20.48
CA ALA A 131 -7.05 -3.72 -20.00
C ALA A 131 -7.08 -3.89 -18.49
N VAL A 132 -7.43 -2.83 -17.76
CA VAL A 132 -7.60 -2.93 -16.32
C VAL A 132 -8.73 -3.90 -15.99
N ALA A 133 -9.90 -3.70 -16.62
CA ALA A 133 -11.05 -4.54 -16.29
C ALA A 133 -10.77 -6.02 -16.53
N ALA A 134 -9.91 -6.34 -17.51
CA ALA A 134 -9.59 -7.75 -17.80
C ALA A 134 -8.69 -8.39 -16.74
N ASN A 135 -7.96 -7.58 -15.98
CA ASN A 135 -7.17 -8.09 -14.86
C ASN A 135 -8.03 -8.43 -13.66
N TYR A 136 -9.32 -8.01 -13.68
CA TYR A 136 -10.29 -8.37 -12.66
C TYR A 136 -11.44 -9.19 -13.22
N GLY A 137 -11.26 -9.79 -14.39
CA GLY A 137 -12.28 -10.68 -14.93
C GLY A 137 -13.56 -9.99 -15.33
N ALA A 138 -13.49 -8.71 -15.74
CA ALA A 138 -14.71 -7.97 -16.03
C ALA A 138 -14.56 -7.18 -17.32
N ALA A 139 -15.65 -6.53 -17.71
CA ALA A 139 -15.61 -5.56 -18.78
C ALA A 139 -15.90 -4.19 -18.19
N ILE A 140 -15.64 -3.16 -18.99
CA ILE A 140 -15.92 -1.80 -18.56
C ILE A 140 -17.44 -1.60 -18.49
N ALA A 141 -17.90 -0.92 -17.46
CA ALA A 141 -19.29 -0.52 -17.37
C ALA A 141 -19.53 0.76 -18.17
N THR A 142 -20.80 1.06 -18.41
CA THR A 142 -21.10 2.34 -19.05
C THR A 142 -20.66 3.49 -18.14
N HIS A 143 -20.54 4.66 -18.76
CA HIS A 143 -20.20 5.88 -18.04
C HIS A 143 -21.13 6.13 -16.83
N ASP A 144 -22.43 5.95 -17.02
CA ASP A 144 -23.37 6.22 -15.93
C ASP A 144 -23.24 5.21 -14.80
N ASN A 145 -22.99 3.93 -15.11
CA ASN A 145 -22.90 2.93 -14.04
C ASN A 145 -21.59 3.06 -13.28
N ARG A 146 -20.50 3.36 -13.99
CA ARG A 146 -19.24 3.71 -13.37
C ARG A 146 -19.43 4.71 -12.23
N TYR A 147 -20.12 5.80 -12.52
CA TYR A 147 -20.21 6.87 -11.55
C TYR A 147 -21.25 6.58 -10.47
N GLU A 148 -22.31 5.85 -10.81
CA GLU A 148 -23.25 5.42 -9.77
C GLU A 148 -22.58 4.46 -8.79
N ARG A 149 -21.76 3.55 -9.30
CA ARG A 149 -20.99 2.68 -8.42
C ARG A 149 -20.04 3.50 -7.57
N ALA A 150 -19.34 4.46 -8.19
CA ALA A 150 -18.37 5.27 -7.46
C ALA A 150 -19.04 6.02 -6.32
N GLU A 151 -20.24 6.52 -6.58
CA GLU A 151 -20.97 7.26 -5.58
C GLU A 151 -21.30 6.36 -4.37
N GLU A 152 -21.73 5.13 -4.62
CA GLU A 152 -22.01 4.24 -3.50
C GLU A 152 -20.73 3.82 -2.77
N PHE A 153 -19.67 3.57 -3.53
CA PHE A 153 -18.35 3.27 -2.96
C PHE A 153 -17.90 4.37 -2.01
N LEU A 154 -18.05 5.63 -2.41
CA LEU A 154 -17.61 6.74 -1.57
C LEU A 154 -18.46 6.83 -0.31
N GLU A 155 -19.78 6.58 -0.41
CA GLU A 155 -20.61 6.54 0.79
C GLU A 155 -20.15 5.44 1.74
N VAL A 156 -19.87 4.24 1.21
CA VAL A 156 -19.40 3.17 2.06
C VAL A 156 -18.11 3.58 2.75
N VAL A 157 -17.16 4.09 1.98
CA VAL A 157 -15.87 4.42 2.54
C VAL A 157 -15.99 5.49 3.63
N HIS A 158 -16.72 6.58 3.35
CA HIS A 158 -16.88 7.59 4.40
C HIS A 158 -17.57 7.02 5.62
N GLY A 159 -18.58 6.18 5.40
CA GLY A 159 -19.21 5.50 6.52
C GLY A 159 -18.24 4.66 7.33
N LEU A 160 -17.34 3.93 6.65
CA LEU A 160 -16.33 3.13 7.35
C LEU A 160 -15.37 4.00 8.13
N TRP A 161 -14.87 5.07 7.52
CA TRP A 161 -13.96 5.95 8.23
C TRP A 161 -14.56 6.44 9.54
N ASN A 162 -15.88 6.69 9.57
CA ASN A 162 -16.49 7.26 10.76
C ASN A 162 -16.94 6.23 11.76
N SER A 163 -16.80 4.94 11.45
CA SER A 163 -17.43 3.88 12.24
C SER A 163 -16.65 3.49 13.49
N TRP A 164 -15.40 3.96 13.65
CA TRP A 164 -14.63 3.71 14.87
C TRP A 164 -13.98 5.02 15.29
N LYS A 165 -14.53 5.65 16.33
CA LYS A 165 -13.97 6.86 16.90
C LYS A 165 -13.30 6.47 18.22
N PHE A 166 -12.00 6.21 18.14
CA PHE A 166 -11.20 5.83 19.31
C PHE A 166 -10.96 7.06 20.19
N PRO A 167 -10.96 6.89 21.64
CA PRO A 167 -10.84 8.06 22.56
C PRO A 167 -9.41 8.53 22.80
N TRP A 168 -8.89 9.31 21.84
CA TRP A 168 -7.50 9.74 21.87
C TRP A 168 -7.13 10.45 23.17
N ASP A 169 -8.07 11.16 23.80
CA ASP A 169 -7.81 11.84 25.07
C ASP A 169 -7.99 10.93 26.29
N GLU A 170 -8.45 9.72 26.11
CA GLU A 170 -8.61 8.80 27.21
C GLU A 170 -8.03 7.45 26.87
N ALA A 171 -6.76 7.46 26.54
CA ALA A 171 -6.06 6.27 26.12
C ALA A 171 -5.11 5.73 27.19
N ILE A 172 -5.08 6.33 28.37
CA ILE A 172 -4.18 5.93 29.46
C ILE A 172 -4.98 5.82 30.75
N GLY A 173 -4.83 4.69 31.44
CA GLY A 173 -5.50 4.51 32.71
C GLY A 173 -6.89 3.92 32.59
N PRO A 174 -7.64 3.94 33.69
CA PRO A 174 -8.95 3.27 33.71
C PRO A 174 -9.92 3.97 32.78
N ASN A 175 -10.65 3.18 32.04
CA ASN A 175 -11.63 3.66 31.09
C ASN A 175 -12.56 2.48 30.87
N PRO A 176 -13.84 2.58 31.23
CA PRO A 176 -14.72 1.43 30.99
C PRO A 176 -14.99 1.20 29.51
N ASN A 177 -14.75 2.18 28.65
CA ASN A 177 -15.04 2.04 27.22
C ASN A 177 -13.80 2.43 26.41
N PRO A 178 -12.73 1.64 26.50
CA PRO A 178 -11.46 2.08 25.90
C PRO A 178 -11.48 2.09 24.37
N PHE A 179 -12.43 1.41 23.71
CA PHE A 179 -12.55 1.50 22.26
C PHE A 179 -13.28 2.74 21.80
N GLY A 180 -13.97 3.46 22.70
CA GLY A 180 -14.69 4.66 22.28
C GLY A 180 -15.97 4.30 21.54
N GLU A 181 -16.31 5.11 20.54
CA GLU A 181 -17.56 4.95 19.79
C GLU A 181 -17.32 4.06 18.58
N VAL A 182 -17.96 2.89 18.59
CA VAL A 182 -17.84 1.89 17.54
C VAL A 182 -19.25 1.63 17.02
N MET A 183 -19.46 1.87 15.74
CA MET A 183 -20.80 1.62 15.23
C MET A 183 -20.74 1.06 13.81
N PRO A 184 -21.29 -0.14 13.57
CA PRO A 184 -21.31 -0.67 12.22
C PRO A 184 -22.13 0.22 11.29
N ILE A 185 -21.89 0.09 9.99
CA ILE A 185 -22.66 0.85 9.02
C ILE A 185 -23.83 0.04 8.45
N ASN A 186 -23.74 -1.27 8.46
CA ASN A 186 -24.79 -2.13 7.91
C ASN A 186 -25.30 -1.57 6.59
N HIS A 187 -24.36 -1.30 5.69
CA HIS A 187 -24.71 -0.79 4.37
C HIS A 187 -25.17 -1.94 3.48
N GLU A 188 -26.26 -1.70 2.76
CA GLU A 188 -26.68 -2.60 1.70
C GLU A 188 -27.24 -1.75 0.57
N GLY A 189 -26.53 -1.69 -0.55
CA GLY A 189 -26.98 -0.89 -1.67
C GLY A 189 -27.04 -1.69 -2.96
N LYS A 190 -27.17 -1.00 -4.09
CA LYS A 190 -27.22 -1.73 -5.35
C LYS A 190 -25.92 -2.47 -5.61
N TYR A 191 -24.79 -1.91 -5.21
CA TYR A 191 -23.51 -2.49 -5.59
C TYR A 191 -22.77 -3.16 -4.45
N PHE A 192 -22.98 -2.74 -3.19
CA PHE A 192 -22.13 -3.17 -2.10
C PHE A 192 -22.99 -3.55 -0.91
N LYS A 193 -22.51 -4.55 -0.17
CA LYS A 193 -23.05 -4.94 1.12
C LYS A 193 -21.87 -5.01 2.07
N VAL A 194 -21.86 -4.16 3.09
CA VAL A 194 -20.70 -4.03 3.97
C VAL A 194 -21.17 -3.73 5.39
N ALA A 195 -20.87 -4.61 6.35
CA ALA A 195 -21.34 -4.40 7.71
C ALA A 195 -20.51 -3.36 8.46
N GLY A 196 -19.18 -3.43 8.36
CA GLY A 196 -18.33 -2.63 9.23
C GLY A 196 -18.52 -3.13 10.67
N PRO A 197 -17.90 -2.47 11.67
CA PRO A 197 -17.03 -1.29 11.61
C PRO A 197 -15.67 -1.56 10.95
N LEU A 198 -15.03 -0.46 10.53
CA LEU A 198 -13.64 -0.49 10.12
C LEU A 198 -12.75 -0.71 11.34
N ASN A 199 -11.65 -1.45 11.13
CA ASN A 199 -10.65 -1.69 12.18
C ASN A 199 -9.46 -0.71 12.10
N VAL A 200 -9.70 0.52 11.67
CA VAL A 200 -8.71 1.58 11.75
C VAL A 200 -9.48 2.78 12.29
N PRO A 201 -9.03 3.46 13.34
CA PRO A 201 -9.86 4.49 13.95
C PRO A 201 -9.74 5.84 13.25
N LEU A 202 -10.83 6.61 13.31
CA LEU A 202 -10.81 7.98 12.81
C LEU A 202 -9.82 8.79 13.63
N PRO A 203 -8.93 9.53 12.99
CA PRO A 203 -8.01 10.38 13.75
C PRO A 203 -8.74 11.60 14.26
N PRO A 204 -8.18 12.30 15.26
CA PRO A 204 -8.84 13.50 15.76
C PRO A 204 -8.83 14.66 14.78
N TYR A 205 -7.97 14.64 13.77
CA TYR A 205 -7.96 15.71 12.79
C TYR A 205 -8.76 15.35 11.52
N GLY A 206 -9.46 14.22 11.51
CA GLY A 206 -10.41 13.95 10.45
C GLY A 206 -9.96 12.89 9.48
N PRO A 207 -10.83 12.58 8.51
CA PRO A 207 -10.57 11.47 7.57
C PRO A 207 -9.59 11.86 6.47
N PRO A 208 -9.12 10.89 5.67
CA PRO A 208 -8.24 11.22 4.55
C PRO A 208 -8.91 12.19 3.59
N VAL A 209 -8.08 13.07 3.01
CA VAL A 209 -8.55 13.99 1.97
C VAL A 209 -8.88 13.22 0.70
N VAL A 210 -10.00 13.56 0.06
CA VAL A 210 -10.45 12.86 -1.15
C VAL A 210 -10.27 13.79 -2.34
N VAL A 211 -9.62 13.27 -3.37
CA VAL A 211 -9.26 14.02 -4.56
C VAL A 211 -10.05 13.45 -5.73
N GLN A 212 -10.42 14.33 -6.68
CA GLN A 212 -11.21 13.94 -7.84
C GLN A 212 -10.65 14.62 -9.10
N ALA A 213 -10.73 13.90 -10.20
CA ALA A 213 -10.28 14.36 -11.51
C ALA A 213 -11.22 13.83 -12.59
N GLY A 214 -11.96 14.72 -13.21
CA GLY A 214 -12.87 14.34 -14.29
C GLY A 214 -13.83 15.40 -14.74
N GLY A 215 -13.71 15.86 -15.97
CA GLY A 215 -14.49 16.99 -16.45
C GLY A 215 -15.92 16.69 -16.88
N SER A 216 -16.31 15.41 -16.95
CA SER A 216 -17.66 15.09 -17.33
C SER A 216 -18.65 15.59 -16.28
N ASP A 217 -19.91 15.67 -16.67
CA ASP A 217 -20.92 16.14 -15.72
C ASP A 217 -21.08 15.18 -14.56
N GLN A 218 -20.97 13.87 -14.80
CA GLN A 218 -21.01 12.89 -13.72
C GLN A 218 -19.80 13.02 -12.80
N GLY A 219 -18.62 13.24 -13.37
CA GLY A 219 -17.46 13.53 -12.55
C GLY A 219 -17.66 14.79 -11.72
N LYS A 220 -18.15 15.86 -12.35
CA LYS A 220 -18.42 17.09 -11.60
C LYS A 220 -19.39 16.84 -10.45
N ARG A 221 -20.35 15.92 -10.62
CA ARG A 221 -21.29 15.62 -9.55
C ARG A 221 -20.61 14.87 -8.42
N LEU A 222 -19.85 13.81 -8.75
CA LEU A 222 -19.07 13.14 -7.73
C LEU A 222 -18.22 14.15 -6.97
N ALA A 223 -17.55 15.05 -7.69
CA ALA A 223 -16.67 16.01 -7.04
C ALA A 223 -17.43 16.92 -6.10
N SER A 224 -18.65 17.34 -6.50
CA SER A 224 -19.39 18.27 -5.65
C SER A 224 -19.80 17.61 -4.33
N ARG A 225 -19.92 16.27 -4.33
CA ARG A 225 -20.33 15.50 -3.16
C ARG A 225 -19.16 15.06 -2.29
N PHE A 226 -18.05 14.67 -2.91
CA PHE A 226 -16.95 14.04 -2.21
C PHE A 226 -15.57 14.64 -2.46
N GLY A 227 -15.38 15.41 -3.53
CA GLY A 227 -14.04 15.89 -3.86
C GLY A 227 -13.69 17.12 -3.05
N GLU A 228 -12.52 17.09 -2.43
CA GLU A 228 -12.02 18.26 -1.73
C GLU A 228 -10.92 18.94 -2.51
N ILE A 229 -10.20 18.16 -3.31
CA ILE A 229 -9.30 18.67 -4.32
C ILE A 229 -9.76 18.15 -5.67
N ILE A 230 -9.79 19.05 -6.64
CA ILE A 230 -10.13 18.72 -8.01
C ILE A 230 -8.96 19.11 -8.88
N TYR A 231 -8.45 18.15 -9.67
CA TYR A 231 -7.46 18.42 -10.70
C TYR A 231 -8.16 18.89 -11.96
N ALA A 232 -7.56 19.88 -12.64
CA ALA A 232 -8.16 20.49 -13.81
C ALA A 232 -7.16 20.57 -14.94
N PHE A 233 -7.71 20.71 -16.14
CA PHE A 233 -6.93 20.92 -17.35
C PHE A 233 -6.45 22.37 -17.36
N LEU A 234 -5.21 22.56 -17.80
CA LEU A 234 -4.68 23.92 -17.93
C LEU A 234 -5.01 24.42 -19.33
N GLY A 235 -6.28 24.83 -19.49
CA GLY A 235 -6.76 25.32 -20.78
C GLY A 235 -6.68 26.82 -20.72
N SER A 236 -7.77 27.50 -21.08
CA SER A 236 -7.72 28.96 -21.06
C SER A 236 -7.93 29.46 -19.64
N LYS A 237 -7.33 30.60 -19.33
CA LYS A 237 -7.56 31.22 -18.04
C LYS A 237 -9.04 31.55 -17.81
N PRO A 238 -9.80 32.11 -18.78
CA PRO A 238 -11.24 32.31 -18.53
C PRO A 238 -11.98 31.02 -18.26
N ALA A 239 -11.75 29.98 -19.04
CA ALA A 239 -12.35 28.69 -18.71
C ALA A 239 -11.82 28.17 -17.38
N GLY A 240 -10.63 28.59 -16.96
CA GLY A 240 -10.16 28.22 -15.63
C GLY A 240 -11.00 28.86 -14.54
N ARG A 241 -11.26 30.17 -14.66
CA ARG A 241 -12.08 30.87 -13.69
C ARG A 241 -13.49 30.33 -13.66
N ARG A 242 -14.08 30.08 -14.83
CA ARG A 242 -15.38 29.45 -14.92
C ARG A 242 -15.42 28.13 -14.17
N PHE A 243 -14.40 27.30 -14.37
CA PHE A 243 -14.41 25.96 -13.78
C PHE A 243 -14.33 26.05 -12.25
N VAL A 244 -13.48 26.93 -11.73
CA VAL A 244 -13.40 27.15 -10.28
C VAL A 244 -14.74 27.64 -9.75
N ALA A 245 -15.33 28.65 -10.39
CA ALA A 245 -16.59 29.20 -9.88
C ALA A 245 -17.66 28.12 -9.84
N GLU A 246 -17.77 27.31 -10.90
CA GLU A 246 -18.75 26.22 -10.95
C GLU A 246 -18.44 25.10 -9.97
N ALA A 247 -17.17 24.83 -9.69
CA ALA A 247 -16.85 23.84 -8.66
C ALA A 247 -17.31 24.32 -7.30
N ARG A 248 -16.98 25.57 -6.97
CA ARG A 248 -17.37 26.11 -5.67
C ARG A 248 -18.88 26.15 -5.53
N ALA A 249 -19.58 26.52 -6.61
CA ALA A 249 -21.03 26.62 -6.54
C ALA A 249 -21.66 25.24 -6.42
N ALA A 250 -21.11 24.24 -7.11
CA ALA A 250 -21.67 22.90 -7.03
C ALA A 250 -21.49 22.32 -5.62
N ALA A 251 -20.34 22.60 -5.00
CA ALA A 251 -20.10 22.10 -3.66
C ALA A 251 -21.05 22.76 -2.66
N ARG A 252 -21.15 24.08 -2.71
CA ARG A 252 -22.08 24.78 -1.83
C ARG A 252 -23.52 24.32 -2.07
N ALA A 253 -23.90 24.08 -3.33
CA ALA A 253 -25.26 23.62 -3.62
C ALA A 253 -25.60 22.31 -2.92
N GLN A 254 -24.59 21.48 -2.64
CA GLN A 254 -24.78 20.21 -1.93
C GLN A 254 -24.83 20.39 -0.42
N GLY A 255 -24.71 21.62 0.05
CA GLY A 255 -24.71 21.92 1.47
C GLY A 255 -23.37 21.81 2.17
N ARG A 256 -22.27 21.68 1.43
CA ARG A 256 -20.96 21.54 2.06
C ARG A 256 -20.45 22.86 2.59
N PRO A 257 -19.58 22.84 3.59
CA PRO A 257 -19.11 24.10 4.19
C PRO A 257 -18.26 24.87 3.20
N GLU A 258 -18.27 26.19 3.35
CA GLU A 258 -17.38 27.03 2.56
C GLU A 258 -15.94 26.59 2.78
N GLY A 259 -15.09 26.84 1.78
CA GLY A 259 -13.71 26.37 1.83
C GLY A 259 -13.58 24.86 1.75
N SER A 260 -14.54 24.19 1.15
CA SER A 260 -14.53 22.74 1.06
C SER A 260 -13.72 22.21 -0.12
N THR A 261 -13.35 23.05 -1.08
CA THR A 261 -12.93 22.64 -2.42
C THR A 261 -11.77 23.51 -2.91
N LEU A 262 -10.69 22.85 -3.30
CA LEU A 262 -9.57 23.47 -4.00
C LEU A 262 -9.50 22.90 -5.40
N VAL A 263 -9.25 23.77 -6.39
CA VAL A 263 -9.04 23.39 -7.78
C VAL A 263 -7.57 23.60 -8.15
N LEU A 264 -6.94 22.57 -8.68
CA LEU A 264 -5.53 22.61 -9.07
C LEU A 264 -5.38 22.16 -10.52
N PRO A 265 -5.22 23.10 -11.46
CA PRO A 265 -4.87 22.73 -12.83
C PRO A 265 -3.49 22.06 -12.87
N SER A 266 -3.35 21.10 -13.77
CA SER A 266 -2.17 20.27 -13.88
C SER A 266 -1.44 20.67 -15.15
N PHE A 267 -0.11 20.74 -15.07
CA PHE A 267 0.63 21.09 -16.28
C PHE A 267 2.07 20.59 -16.18
N VAL A 268 2.72 20.54 -17.34
CA VAL A 268 4.10 20.08 -17.47
C VAL A 268 4.99 21.31 -17.64
N PRO A 269 5.86 21.61 -16.69
CA PRO A 269 6.79 22.73 -16.93
C PRO A 269 8.04 22.30 -17.68
N LEU A 270 8.45 23.08 -18.68
CA LEU A 270 9.73 22.88 -19.37
C LEU A 270 10.57 24.13 -19.06
N ILE A 271 11.33 24.05 -17.99
CA ILE A 271 11.95 25.23 -17.41
C ILE A 271 13.43 25.22 -17.75
N GLY A 272 13.89 26.30 -18.38
CA GLY A 272 15.30 26.56 -18.56
C GLY A 272 15.63 27.89 -17.91
N SER A 273 16.88 28.02 -17.47
CA SER A 273 17.23 29.21 -16.71
C SER A 273 17.31 30.45 -17.59
N THR A 274 17.49 30.27 -18.91
CA THR A 274 17.47 31.34 -19.90
C THR A 274 16.70 30.89 -21.14
N GLU A 275 16.51 31.83 -22.06
CA GLU A 275 15.90 31.49 -23.35
C GLU A 275 16.76 30.52 -24.12
N ALA A 276 18.07 30.77 -24.16
CA ALA A 276 18.95 29.79 -24.78
C ALA A 276 18.61 28.40 -24.31
N GLU A 277 18.59 28.21 -22.98
CA GLU A 277 18.30 26.88 -22.47
C GLU A 277 16.87 26.48 -22.74
N VAL A 278 15.92 27.42 -22.66
CA VAL A 278 14.55 27.10 -23.01
C VAL A 278 14.47 26.68 -24.47
N LYS A 279 15.07 27.48 -25.36
CA LYS A 279 15.01 27.13 -26.77
C LYS A 279 15.69 25.79 -27.03
N ARG A 280 16.79 25.53 -26.32
CA ARG A 280 17.44 24.23 -26.47
C ARG A 280 16.56 23.11 -25.96
N LEU A 281 15.98 23.26 -24.76
CA LEU A 281 15.13 22.19 -24.22
C LEU A 281 13.95 21.94 -25.13
N VAL A 282 13.37 22.99 -25.71
CA VAL A 282 12.24 22.79 -26.60
C VAL A 282 12.67 22.01 -27.83
N ALA A 283 13.88 22.28 -28.32
CA ALA A 283 14.38 21.55 -29.48
C ALA A 283 14.56 20.08 -29.13
N GLU A 284 15.13 19.78 -27.96
CA GLU A 284 15.26 18.39 -27.53
C GLU A 284 13.90 17.70 -27.45
N TYR A 285 12.94 18.36 -26.81
CA TYR A 285 11.62 17.76 -26.68
C TYR A 285 10.99 17.53 -28.05
N GLU A 286 11.10 18.50 -28.96
CA GLU A 286 10.51 18.35 -30.28
C GLU A 286 11.26 17.29 -31.09
N ALA A 287 12.59 17.22 -30.95
CA ALA A 287 13.34 16.15 -31.59
C ALA A 287 12.91 14.76 -31.10
N GLY A 288 12.14 14.68 -30.01
CA GLY A 288 11.56 13.45 -29.57
C GLY A 288 10.14 13.21 -30.05
N LEU A 289 9.71 14.02 -31.00
CA LEU A 289 8.40 14.02 -31.58
C LEU A 289 8.53 14.03 -33.12
N ASP A 290 7.43 13.73 -33.81
CA ASP A 290 7.46 13.86 -35.26
C ASP A 290 7.63 15.34 -35.65
N PRO A 291 8.25 15.61 -36.82
CA PRO A 291 8.66 16.98 -37.17
C PRO A 291 7.63 18.05 -36.82
N ALA A 292 8.10 19.14 -36.18
CA ALA A 292 7.22 20.24 -35.80
C ALA A 292 6.56 20.86 -37.03
N GLU A 293 7.20 20.77 -38.20
CA GLU A 293 6.52 21.09 -39.43
C GLU A 293 5.33 20.15 -39.65
N GLN A 294 5.51 18.86 -39.36
CA GLN A 294 4.40 17.92 -39.39
C GLN A 294 3.38 18.25 -38.31
N ARG A 295 3.85 18.46 -37.10
CA ARG A 295 2.92 18.67 -36.03
C ARG A 295 2.12 19.96 -36.22
N ILE A 296 2.76 20.99 -36.74
CA ILE A 296 2.08 22.28 -36.88
C ILE A 296 1.08 22.24 -38.03
N GLU A 297 1.42 21.56 -39.14
CA GLU A 297 0.41 21.37 -40.17
C GLU A 297 -0.74 20.50 -39.66
N ALA A 298 -0.43 19.44 -38.91
CA ALA A 298 -1.50 18.65 -38.31
C ALA A 298 -2.45 19.53 -37.50
N LEU A 299 -1.92 20.45 -36.70
CA LEU A 299 -2.79 21.26 -35.86
C LEU A 299 -3.63 22.23 -36.68
N SER A 300 -3.05 22.84 -37.72
CA SER A 300 -3.80 23.82 -38.50
C SER A 300 -4.99 23.16 -39.19
N LYS A 301 -4.82 21.93 -39.65
CA LYS A 301 -5.96 21.22 -40.22
C LYS A 301 -7.01 20.96 -39.14
N GLN A 302 -6.59 20.53 -37.96
CA GLN A 302 -7.58 20.23 -36.93
C GLN A 302 -8.42 21.45 -36.58
N LEU A 303 -7.84 22.64 -36.68
CA LEU A 303 -8.52 23.86 -36.31
C LEU A 303 -9.02 24.62 -37.53
N GLY A 304 -8.78 24.09 -38.73
CA GLY A 304 -9.22 24.74 -39.95
C GLY A 304 -8.54 26.06 -40.24
N ILE A 305 -7.26 26.17 -39.88
CA ILE A 305 -6.47 27.36 -40.20
C ILE A 305 -5.80 27.16 -41.56
N ASP A 306 -6.08 28.08 -42.49
CA ASP A 306 -5.56 27.96 -43.86
C ASP A 306 -4.13 28.50 -43.93
N LEU A 307 -3.15 27.61 -43.92
CA LEU A 307 -1.76 28.08 -43.87
C LEU A 307 -1.27 28.68 -45.17
N GLU A 308 -2.11 28.86 -46.16
CA GLU A 308 -1.72 29.67 -47.30
C GLU A 308 -2.02 31.15 -47.11
N ARG A 309 -3.01 31.48 -46.33
CA ARG A 309 -3.34 32.84 -45.98
C ARG A 309 -2.78 33.26 -44.62
N ILE A 310 -2.45 32.31 -43.75
CA ILE A 310 -2.07 32.58 -42.37
C ILE A 310 -0.65 32.05 -42.15
N ASN A 311 0.25 32.93 -41.71
CA ASN A 311 1.58 32.53 -41.30
C ASN A 311 1.52 31.84 -39.94
N VAL A 312 2.37 30.82 -39.74
CA VAL A 312 2.38 30.13 -38.45
C VAL A 312 2.91 31.00 -37.32
N ASP A 313 3.47 32.17 -37.60
CA ASP A 313 3.97 33.04 -36.56
C ASP A 313 3.07 34.24 -36.29
N GLN A 314 2.01 34.42 -37.05
CA GLN A 314 1.18 35.57 -36.82
C GLN A 314 0.16 35.31 -35.71
N VAL A 315 -0.17 36.38 -34.98
CA VAL A 315 -1.18 36.28 -33.95
C VAL A 315 -2.48 35.84 -34.57
N LEU A 316 -3.03 34.74 -34.08
CA LEU A 316 -4.28 34.19 -34.58
C LEU A 316 -5.46 35.06 -34.18
N GLN A 317 -6.45 35.11 -35.07
CA GLN A 317 -7.68 35.83 -34.85
C GLN A 317 -8.85 34.87 -34.94
N GLU A 318 -9.96 35.27 -34.33
CA GLU A 318 -11.18 34.48 -34.35
C GLU A 318 -11.53 34.03 -35.76
N LYS A 319 -11.49 34.96 -36.72
CA LYS A 319 -11.84 34.64 -38.10
C LYS A 319 -10.90 33.63 -38.74
N ASP A 320 -9.73 33.37 -38.15
CA ASP A 320 -8.80 32.43 -38.78
C ASP A 320 -9.21 30.99 -38.59
N PHE A 321 -10.01 30.68 -37.57
CA PHE A 321 -10.36 29.31 -37.22
C PHE A 321 -11.61 28.86 -37.97
N ASN A 322 -11.57 27.61 -38.46
CA ASN A 322 -12.76 26.99 -39.05
C ASN A 322 -12.86 25.58 -38.46
N LEU A 323 -13.44 25.49 -37.27
CA LEU A 323 -13.44 24.21 -36.57
C LEU A 323 -14.34 23.22 -37.31
N PRO A 324 -13.85 22.03 -37.63
CA PRO A 324 -14.71 21.05 -38.29
C PRO A 324 -15.91 20.70 -37.43
N LYS A 325 -17.07 20.58 -38.09
CA LYS A 325 -18.31 20.22 -37.41
C LYS A 325 -18.12 18.95 -36.59
N GLU A 326 -17.72 17.87 -37.26
CA GLU A 326 -17.33 16.64 -36.60
C GLU A 326 -15.91 16.27 -37.03
N SER A 327 -15.19 15.63 -36.12
CA SER A 327 -13.81 15.27 -36.31
C SER A 327 -13.46 14.13 -35.38
N ALA A 328 -12.39 13.41 -35.65
CA ALA A 328 -11.88 12.42 -34.70
C ALA A 328 -11.33 13.05 -33.42
N THR A 329 -11.36 14.36 -33.29
CA THR A 329 -10.89 14.99 -32.06
C THR A 329 -12.06 15.73 -31.42
N PRO A 330 -12.37 15.45 -30.16
CA PRO A 330 -13.58 16.03 -29.55
C PRO A 330 -13.62 17.54 -29.68
N ILE A 331 -14.80 18.06 -30.05
CA ILE A 331 -15.01 19.48 -30.28
C ILE A 331 -14.55 20.30 -29.08
N GLY A 332 -14.78 19.80 -27.87
CA GLY A 332 -14.42 20.55 -26.67
C GLY A 332 -12.92 20.81 -26.56
N ILE A 333 -12.10 19.86 -27.02
CA ILE A 333 -10.66 20.11 -27.06
C ILE A 333 -10.35 21.23 -28.04
N LEU A 334 -10.91 21.15 -29.25
CA LEU A 334 -10.67 22.16 -30.29
C LEU A 334 -11.10 23.54 -29.80
N LYS A 335 -12.28 23.62 -29.19
CA LYS A 335 -12.73 24.92 -28.71
C LYS A 335 -11.83 25.45 -27.60
N SER A 336 -11.27 24.56 -26.78
CA SER A 336 -10.37 25.00 -25.73
C SER A 336 -9.11 25.61 -26.35
N MET A 337 -8.61 24.99 -27.40
CA MET A 337 -7.43 25.52 -28.07
C MET A 337 -7.69 26.88 -28.65
N VAL A 338 -8.90 27.12 -29.16
CA VAL A 338 -9.22 28.44 -29.69
C VAL A 338 -9.22 29.47 -28.56
N ASP A 339 -9.84 29.13 -27.43
CA ASP A 339 -9.88 30.04 -26.29
C ASP A 339 -8.47 30.37 -25.78
N VAL A 340 -7.60 29.36 -25.70
CA VAL A 340 -6.22 29.59 -25.31
C VAL A 340 -5.54 30.54 -26.28
N ALA A 341 -5.67 30.27 -27.59
CA ALA A 341 -4.96 31.10 -28.55
C ALA A 341 -5.40 32.56 -28.49
N LEU A 342 -6.72 32.78 -28.34
CA LEU A 342 -7.21 34.16 -28.30
C LEU A 342 -6.88 34.83 -26.98
N ASP A 343 -7.11 34.13 -25.85
CA ASP A 343 -6.86 34.75 -24.55
C ASP A 343 -5.40 35.16 -24.39
N GLU A 344 -4.47 34.33 -24.88
CA GLU A 344 -3.04 34.56 -24.69
C GLU A 344 -2.38 35.20 -25.91
N LYS A 345 -3.16 35.55 -26.92
CA LYS A 345 -2.67 36.18 -28.13
C LYS A 345 -1.56 35.42 -28.84
N LEU A 346 -1.81 34.15 -29.14
CA LEU A 346 -0.76 33.25 -29.62
C LEU A 346 -0.79 33.12 -31.13
N SER A 347 0.39 32.82 -31.69
CA SER A 347 0.52 32.28 -33.02
C SER A 347 0.25 30.78 -32.99
N LEU A 348 0.12 30.20 -34.18
CA LEU A 348 -0.09 28.76 -34.25
C LEU A 348 1.10 27.99 -33.69
N ARG A 349 2.31 28.43 -34.02
CA ARG A 349 3.52 27.78 -33.52
C ARG A 349 3.57 27.81 -32.00
N GLN A 350 3.16 28.92 -31.40
CA GLN A 350 3.15 29.00 -29.95
C GLN A 350 2.07 28.09 -29.39
N LEU A 351 0.89 28.10 -30.00
CA LEU A 351 -0.21 27.28 -29.51
C LEU A 351 0.15 25.79 -29.52
N ALA A 352 0.85 25.32 -30.57
CA ALA A 352 1.23 23.91 -30.66
C ALA A 352 1.99 23.43 -29.43
N LEU A 353 2.86 24.29 -28.90
CA LEU A 353 3.67 23.97 -27.72
C LEU A 353 2.85 24.15 -26.45
N ARG A 354 2.16 25.30 -26.33
CA ARG A 354 1.43 25.66 -25.12
C ARG A 354 0.39 24.61 -24.73
N MET A 355 -0.17 23.90 -25.71
CA MET A 355 -1.16 22.88 -25.40
C MET A 355 -0.52 21.63 -24.79
N ARG A 356 0.74 21.38 -25.10
CA ARG A 356 1.49 20.26 -24.56
C ARG A 356 2.18 20.58 -23.22
N LEU A 357 2.86 21.72 -23.14
CA LEU A 357 3.60 22.05 -21.92
C LEU A 357 3.76 23.56 -21.77
N ILE A 358 4.31 23.97 -20.64
CA ILE A 358 4.55 25.37 -20.35
C ILE A 358 6.06 25.57 -20.34
N ALA A 359 6.62 26.06 -21.44
CA ALA A 359 8.04 26.30 -21.53
C ALA A 359 8.34 27.75 -21.16
N GLY A 360 9.41 27.97 -20.41
CA GLY A 360 9.78 29.32 -20.03
C GLY A 360 10.90 29.33 -19.02
N THR A 361 11.34 30.54 -18.66
CA THR A 361 12.29 30.69 -17.56
C THR A 361 11.55 30.59 -16.22
N PRO A 362 12.29 30.42 -15.12
CA PRO A 362 11.62 30.36 -13.80
C PRO A 362 10.69 31.54 -13.54
N ASP A 363 11.12 32.76 -13.89
CA ASP A 363 10.28 33.93 -13.67
C ASP A 363 9.00 33.87 -14.52
N GLN A 364 9.10 33.39 -15.76
CA GLN A 364 7.93 33.32 -16.63
C GLN A 364 6.92 32.33 -16.09
N VAL A 365 7.39 31.21 -15.57
CA VAL A 365 6.47 30.22 -15.00
C VAL A 365 5.81 30.77 -13.74
N ALA A 366 6.62 31.37 -12.84
CA ALA A 366 6.06 31.94 -11.62
C ALA A 366 5.04 33.01 -11.93
N ASP A 367 5.35 33.88 -12.91
CA ASP A 367 4.41 34.91 -13.33
C ASP A 367 3.11 34.31 -13.83
N ARG A 368 3.19 33.24 -14.63
CA ARG A 368 1.95 32.58 -15.07
C ARG A 368 1.20 31.95 -13.89
N LEU A 369 1.91 31.25 -13.01
CA LEU A 369 1.22 30.67 -11.86
C LEU A 369 0.51 31.74 -11.04
N ILE A 370 1.21 32.83 -10.72
CA ILE A 370 0.63 33.88 -9.89
C ILE A 370 -0.52 34.54 -10.62
N ASP A 371 -0.40 34.68 -11.94
CA ASP A 371 -1.47 35.27 -12.71
C ASP A 371 -2.75 34.46 -12.58
N TRP A 372 -2.65 33.13 -12.78
CA TRP A 372 -3.84 32.29 -12.64
C TRP A 372 -4.36 32.32 -11.22
N TRP A 373 -3.45 32.15 -10.25
CA TRP A 373 -3.86 31.95 -8.86
C TRP A 373 -4.62 33.16 -8.33
N GLN A 374 -4.13 34.37 -8.62
CA GLN A 374 -4.73 35.58 -8.07
C GLN A 374 -6.05 35.93 -8.75
N ASP A 375 -6.19 35.62 -10.02
CA ASP A 375 -7.43 35.82 -10.72
C ASP A 375 -8.41 34.67 -10.49
N GLU A 376 -8.06 33.76 -9.57
CA GLU A 376 -8.96 32.68 -9.16
C GLU A 376 -9.30 31.74 -10.30
N ALA A 377 -8.36 31.56 -11.23
CA ALA A 377 -8.46 30.45 -12.17
C ALA A 377 -7.86 29.18 -11.59
N ALA A 378 -7.37 29.24 -10.36
CA ALA A 378 -6.67 28.13 -9.71
C ALA A 378 -6.52 28.46 -8.23
N ASP A 379 -6.61 27.43 -7.38
CA ASP A 379 -6.15 27.57 -6.00
C ASP A 379 -4.69 27.13 -5.81
N GLY A 380 -4.09 26.58 -6.86
CA GLY A 380 -2.75 26.04 -6.81
C GLY A 380 -2.61 25.16 -8.03
N PHE A 381 -1.53 24.35 -8.06
CA PHE A 381 -1.22 23.62 -9.28
C PHE A 381 -0.62 22.26 -8.97
N VAL A 382 -0.86 21.33 -9.89
CA VAL A 382 -0.16 20.05 -9.94
C VAL A 382 0.96 20.17 -10.96
N ILE A 383 2.19 20.03 -10.50
CA ILE A 383 3.39 20.12 -11.31
C ILE A 383 3.78 18.72 -11.78
N ASN A 384 3.76 18.52 -13.09
CA ASN A 384 4.00 17.22 -13.70
C ASN A 384 5.38 17.30 -14.37
N ALA A 385 6.42 16.97 -13.62
CA ALA A 385 7.78 17.21 -14.12
C ALA A 385 8.09 16.32 -15.30
N PRO A 386 8.66 16.86 -16.38
CA PRO A 386 8.98 16.01 -17.55
C PRO A 386 10.03 14.96 -17.26
N LEU A 387 10.96 15.25 -16.36
CA LEU A 387 11.99 14.30 -15.94
C LEU A 387 12.09 14.35 -14.42
N LEU A 388 12.04 13.18 -13.78
CA LEU A 388 12.25 13.06 -12.33
C LEU A 388 13.59 12.38 -12.05
N PRO A 389 14.33 12.87 -11.04
CA PRO A 389 14.01 14.05 -10.22
C PRO A 389 14.43 15.39 -10.83
N ASP A 390 15.20 15.35 -11.92
CA ASP A 390 15.96 16.51 -12.38
C ASP A 390 15.07 17.74 -12.55
N ALA A 391 13.92 17.59 -13.24
CA ALA A 391 13.10 18.78 -13.53
C ALA A 391 12.33 19.25 -12.32
N LEU A 392 12.00 18.36 -11.39
CA LEU A 392 11.41 18.85 -10.16
C LEU A 392 12.44 19.60 -9.34
N GLU A 393 13.70 19.16 -9.39
CA GLU A 393 14.76 19.88 -8.70
C GLU A 393 14.89 21.31 -9.23
N ILE A 394 14.82 21.47 -10.55
CA ILE A 394 14.82 22.81 -11.15
C ILE A 394 13.62 23.62 -10.67
N PHE A 395 12.42 23.03 -10.71
CA PHE A 395 11.25 23.76 -10.25
C PHE A 395 11.42 24.20 -8.79
N VAL A 396 11.81 23.27 -7.91
CA VAL A 396 11.96 23.60 -6.49
C VAL A 396 13.10 24.58 -6.24
N ASP A 397 14.20 24.47 -7.00
CA ASP A 397 15.33 25.36 -6.77
C ASP A 397 15.10 26.75 -7.31
N GLN A 398 14.32 26.90 -8.38
CA GLN A 398 14.29 28.17 -9.08
C GLN A 398 12.91 28.80 -9.19
N VAL A 399 11.83 28.02 -9.20
CA VAL A 399 10.51 28.62 -9.26
C VAL A 399 9.96 28.88 -7.86
N VAL A 400 9.98 27.85 -7.00
CA VAL A 400 9.47 27.99 -5.65
C VAL A 400 10.04 29.23 -4.93
N PRO A 401 11.35 29.47 -4.91
CA PRO A 401 11.83 30.64 -4.17
C PRO A 401 11.28 31.97 -4.71
N ILE A 402 11.00 32.05 -6.01
CA ILE A 402 10.31 33.21 -6.55
C ILE A 402 8.92 33.31 -5.92
N LEU A 403 8.18 32.21 -5.93
CA LEU A 403 6.86 32.21 -5.33
C LEU A 403 6.91 32.59 -3.88
N GLN A 404 7.95 32.14 -3.15
CA GLN A 404 8.05 32.49 -1.75
C GLN A 404 8.39 33.97 -1.58
N SER A 405 9.32 34.51 -2.38
CA SER A 405 9.58 35.96 -2.32
C SER A 405 8.32 36.74 -2.62
N ARG A 406 7.58 36.30 -3.63
CA ARG A 406 6.35 36.98 -4.00
C ARG A 406 5.32 36.98 -2.88
N GLY A 407 5.51 36.20 -1.82
CA GLY A 407 4.54 36.19 -0.74
C GLY A 407 3.34 35.29 -0.95
N VAL A 408 3.37 34.40 -1.94
CA VAL A 408 2.20 33.59 -2.28
C VAL A 408 2.38 32.12 -1.94
N PHE A 409 3.55 31.74 -1.41
CA PHE A 409 3.87 30.34 -1.11
C PHE A 409 4.72 30.22 0.16
N PRO A 410 4.42 29.28 1.04
CA PRO A 410 5.09 29.26 2.35
C PRO A 410 6.54 28.81 2.28
N ARG A 411 7.31 29.27 3.27
CA ARG A 411 8.67 28.80 3.48
C ARG A 411 8.77 27.68 4.50
N SER A 412 7.69 27.35 5.20
CA SER A 412 7.75 26.38 6.29
C SER A 412 6.54 25.46 6.23
N TYR A 413 6.69 24.28 6.82
CA TYR A 413 5.55 23.44 7.13
C TYR A 413 5.02 23.83 8.51
N THR A 414 3.86 24.50 8.54
CA THR A 414 3.27 24.93 9.80
C THR A 414 2.09 24.07 10.26
N GLU A 415 1.66 23.12 9.44
CA GLU A 415 0.68 22.11 9.80
C GLU A 415 1.30 20.76 9.52
N SER A 416 0.98 19.78 10.35
CA SER A 416 1.55 18.47 10.11
C SER A 416 0.59 17.50 9.44
N THR A 417 -0.67 17.86 9.26
CA THR A 417 -1.56 16.97 8.54
C THR A 417 -1.97 17.63 7.23
N LEU A 418 -2.27 16.78 6.23
CA LEU A 418 -2.67 17.29 4.93
C LEU A 418 -4.01 18.03 5.01
N ARG A 419 -5.01 17.45 5.69
CA ARG A 419 -6.29 18.16 5.82
C ARG A 419 -6.10 19.55 6.44
N GLU A 420 -5.24 19.69 7.45
CA GLU A 420 -5.06 21.01 8.05
C GLU A 420 -4.17 21.91 7.21
N ARG A 421 -3.13 21.35 6.59
CA ARG A 421 -2.30 22.13 5.66
C ARG A 421 -3.15 22.78 4.55
N LEU A 422 -4.12 22.03 4.03
CA LEU A 422 -4.97 22.50 2.94
C LEU A 422 -6.11 23.41 3.39
N GLY A 423 -6.30 23.61 4.70
CA GLY A 423 -7.33 24.51 5.16
C GLY A 423 -8.73 23.95 5.03
N LEU A 424 -8.87 22.63 5.01
CA LEU A 424 -10.15 21.97 4.76
C LEU A 424 -10.93 21.72 6.05
N PRO A 425 -12.25 21.58 5.95
CA PRO A 425 -13.06 21.24 7.13
C PRO A 425 -12.57 19.97 7.82
N ARG A 426 -12.57 19.98 9.14
CA ARG A 426 -12.24 18.75 9.86
C ARG A 426 -13.25 17.65 9.54
N ASN A 427 -14.50 18.02 9.31
CA ASN A 427 -15.60 17.09 9.06
C ASN A 427 -16.18 17.47 7.70
N PRO A 428 -15.57 16.99 6.61
CA PRO A 428 -15.94 17.52 5.29
C PRO A 428 -17.36 17.19 4.88
N LEU A 429 -17.96 16.13 5.42
CA LEU A 429 -19.31 15.76 5.02
C LEU A 429 -20.37 16.25 5.98
N GLY A 430 -20.09 16.26 7.28
CA GLY A 430 -21.00 16.82 8.29
C GLY A 430 -20.96 18.33 8.37
N ARG B 4 23.43 -25.87 7.89
CA ARG B 4 22.10 -25.65 8.44
C ARG B 4 22.19 -24.81 9.72
N ARG B 5 21.32 -23.80 9.85
CA ARG B 5 21.27 -22.95 11.04
C ARG B 5 19.83 -22.59 11.34
N MET B 6 19.58 -22.16 12.57
CA MET B 6 18.22 -21.87 13.03
C MET B 6 17.73 -20.51 12.55
N TYR B 7 16.47 -20.45 12.14
CA TYR B 7 15.83 -19.20 11.73
C TYR B 7 14.93 -18.68 12.85
N LEU B 8 14.75 -17.36 12.89
CA LEU B 8 13.88 -16.76 13.90
C LEU B 8 13.04 -15.64 13.30
N VAL B 9 11.73 -15.70 13.56
CA VAL B 9 10.79 -14.66 13.15
C VAL B 9 10.11 -14.12 14.40
N SER B 10 9.87 -12.80 14.46
CA SER B 10 9.21 -12.17 15.60
C SER B 10 7.83 -11.60 15.22
N TRP B 11 6.79 -12.12 15.87
CA TRP B 11 5.46 -11.54 15.80
C TRP B 11 5.47 -10.09 16.27
N LEU B 12 4.83 -9.20 15.51
CA LEU B 12 4.99 -7.78 15.79
C LEU B 12 3.68 -6.99 15.92
N ASN B 13 2.53 -7.64 16.05
CA ASN B 13 1.26 -6.93 16.03
C ASN B 13 1.01 -6.10 17.30
N SER B 14 0.45 -4.90 17.10
CA SER B 14 -0.21 -4.14 18.17
C SER B 14 0.70 -4.04 19.39
N SER B 15 0.23 -4.37 20.59
CA SER B 15 0.94 -4.09 21.83
C SER B 15 1.61 -5.34 22.41
N GLY B 16 1.50 -6.46 21.73
CA GLY B 16 1.92 -7.73 22.29
C GLY B 16 0.82 -8.77 22.18
N VAL B 17 1.22 -10.01 22.40
CA VAL B 17 0.29 -11.12 22.24
C VAL B 17 -0.79 -11.12 23.32
N LEU B 18 -0.50 -10.58 24.50
CA LEU B 18 -1.46 -10.67 25.58
C LEU B 18 -2.57 -9.63 25.41
N PRO B 19 -3.79 -9.96 25.86
CA PRO B 19 -4.95 -9.10 25.57
C PRO B 19 -4.94 -7.76 26.30
N ASN B 20 -4.39 -7.67 27.51
CA ASN B 20 -4.26 -6.40 28.20
C ASN B 20 -2.91 -5.72 27.95
N SER B 21 -2.18 -6.14 26.92
CA SER B 21 -0.82 -5.63 26.74
C SER B 21 -0.80 -4.13 26.44
N TRP B 22 -1.88 -3.56 25.92
CA TRP B 22 -1.87 -2.13 25.64
C TRP B 22 -1.97 -1.29 26.92
N ASN B 23 -2.32 -1.89 28.06
CA ASN B 23 -2.23 -1.24 29.35
C ASN B 23 -0.93 -1.55 30.11
N GLU B 24 -0.08 -2.43 29.60
CA GLU B 24 1.17 -2.72 30.28
C GLU B 24 2.29 -1.86 29.67
N GLY B 25 3.54 -2.12 30.04
CA GLY B 25 4.60 -1.19 29.66
C GLY B 25 4.33 0.18 30.25
N ARG B 26 4.50 1.22 29.45
CA ARG B 26 4.13 2.54 29.97
C ARG B 26 2.62 2.80 29.91
N GLY B 27 1.80 1.85 29.46
CA GLY B 27 0.36 1.96 29.61
C GLY B 27 -0.39 2.89 28.66
N ASN B 28 0.26 3.42 27.63
CA ASN B 28 -0.43 4.28 26.66
C ASN B 28 -1.08 3.40 25.58
N ARG B 29 -2.40 3.20 25.67
CA ARG B 29 -3.09 2.33 24.71
C ARG B 29 -3.00 2.85 23.26
N ALA B 30 -2.84 4.15 23.07
CA ALA B 30 -2.79 4.71 21.71
C ALA B 30 -1.47 4.45 21.00
N ARG B 31 -0.47 3.92 21.71
CA ARG B 31 0.81 3.65 21.05
C ARG B 31 0.64 2.65 19.92
N ILE B 32 -0.42 1.84 19.93
CA ILE B 32 -0.56 0.88 18.85
C ILE B 32 -0.92 1.54 17.52
N PHE B 33 -1.30 2.82 17.53
CA PHE B 33 -1.63 3.50 16.29
C PHE B 33 -0.48 4.40 15.83
N ASP B 34 0.71 4.22 16.37
CA ASP B 34 1.86 5.08 16.11
C ASP B 34 2.94 4.28 15.39
N LEU B 35 3.29 4.69 14.16
CA LEU B 35 4.35 4.02 13.41
C LEU B 35 5.60 3.75 14.29
N GLU B 36 5.97 4.71 15.14
CA GLU B 36 7.18 4.57 15.96
C GLU B 36 7.11 3.37 16.90
N ASN B 37 5.93 3.05 17.41
CA ASN B 37 5.74 1.82 18.18
C ASN B 37 6.32 0.61 17.44
N TYR B 38 6.04 0.53 16.12
CA TYR B 38 6.50 -0.62 15.33
C TYR B 38 7.97 -0.45 14.91
N ILE B 39 8.40 0.78 14.60
CA ILE B 39 9.82 0.98 14.32
C ILE B 39 10.66 0.43 15.46
N ARG B 40 10.25 0.70 16.70
CA ARG B 40 11.10 0.34 17.83
C ARG B 40 11.25 -1.18 17.94
N SER B 41 10.14 -1.91 17.82
CA SER B 41 10.25 -3.38 17.90
C SER B 41 11.02 -3.94 16.72
N ALA B 42 10.87 -3.35 15.53
CA ALA B 42 11.58 -3.88 14.36
C ALA B 42 13.09 -3.65 14.48
N GLU B 43 13.49 -2.51 15.06
CA GLU B 43 14.91 -2.22 15.26
C GLU B 43 15.49 -3.11 16.34
N ILE B 44 14.70 -3.39 17.37
CA ILE B 44 15.13 -4.39 18.34
C ILE B 44 15.37 -5.71 17.64
N ALA B 45 14.42 -6.14 16.80
CA ALA B 45 14.61 -7.41 16.11
C ALA B 45 15.83 -7.37 15.19
N ARG B 46 16.02 -6.24 14.50
CA ARG B 46 17.18 -6.08 13.62
C ARG B 46 18.48 -6.16 14.41
N ARG B 47 18.51 -5.55 15.59
CA ARG B 47 19.73 -5.62 16.39
C ARG B 47 20.08 -7.07 16.74
N GLY B 48 19.05 -7.89 16.99
CA GLY B 48 19.29 -9.30 17.23
C GLY B 48 19.45 -10.17 15.99
N ARG B 49 19.47 -9.61 14.78
CA ARG B 49 19.58 -10.38 13.52
C ARG B 49 18.42 -11.33 13.32
N ILE B 50 17.26 -11.04 13.93
CA ILE B 50 16.05 -11.76 13.58
C ILE B 50 15.84 -11.73 12.07
N ASP B 51 15.38 -12.84 11.50
CA ASP B 51 15.32 -12.94 10.03
C ASP B 51 14.18 -12.11 9.46
N ALA B 52 13.05 -12.06 10.15
CA ALA B 52 11.92 -11.29 9.65
C ALA B 52 11.00 -11.03 10.81
N PHE B 53 10.30 -9.90 10.76
CA PHE B 53 9.14 -9.74 11.61
C PHE B 53 7.92 -10.35 10.93
N PHE B 54 6.85 -10.54 11.70
CA PHE B 54 5.65 -11.18 11.14
C PHE B 54 4.42 -10.43 11.59
N LEU B 55 3.51 -10.14 10.64
CA LEU B 55 2.27 -9.43 10.93
C LEU B 55 1.06 -10.32 10.68
N ALA B 56 0.35 -10.67 11.76
CA ALA B 56 -0.93 -11.36 11.60
C ALA B 56 -1.98 -10.35 11.17
N ASP B 57 -3.12 -10.85 10.70
CA ASP B 57 -4.14 -9.90 10.24
C ASP B 57 -5.47 -10.59 10.05
N GLN B 58 -6.52 -9.87 10.39
CA GLN B 58 -7.85 -10.09 9.89
C GLN B 58 -8.52 -8.74 9.70
N PRO B 59 -9.27 -8.60 8.63
CA PRO B 59 -9.98 -7.32 8.36
C PRO B 59 -11.28 -7.24 9.13
N GLN B 60 -11.19 -7.15 10.45
CA GLN B 60 -12.38 -6.90 11.26
C GLN B 60 -11.94 -6.27 12.56
N LEU B 61 -12.90 -5.65 13.24
CA LEU B 61 -12.71 -5.04 14.56
C LEU B 61 -13.63 -5.75 15.55
N THR B 62 -13.06 -6.30 16.62
CA THR B 62 -13.83 -6.83 17.73
C THR B 62 -13.62 -5.95 18.95
N PRO B 63 -14.60 -5.06 19.29
CA PRO B 63 -14.43 -4.07 20.36
C PRO B 63 -14.68 -4.61 21.78
N ASN B 64 -14.12 -5.77 22.06
CA ASN B 64 -14.19 -6.38 23.37
C ASN B 64 -13.34 -5.56 24.33
N PRO B 65 -13.92 -4.84 25.29
CA PRO B 65 -13.12 -3.91 26.12
C PRO B 65 -11.98 -4.57 26.88
N LYS B 66 -11.95 -5.89 26.98
CA LYS B 66 -10.86 -6.57 27.65
C LYS B 66 -9.69 -6.91 26.75
N VAL B 67 -9.87 -6.90 25.42
CA VAL B 67 -8.88 -7.44 24.49
C VAL B 67 -8.42 -6.32 23.57
N ARG B 68 -7.16 -5.92 23.70
CA ARG B 68 -6.61 -4.92 22.81
C ARG B 68 -6.83 -5.34 21.36
N PRO B 69 -7.03 -4.39 20.44
CA PRO B 69 -7.21 -4.75 19.02
C PRO B 69 -5.91 -5.29 18.42
N GLU B 70 -5.98 -6.47 17.88
CA GLU B 70 -4.88 -7.15 17.25
C GLU B 70 -4.39 -6.58 15.93
N TYR B 71 -5.30 -6.00 15.16
CA TYR B 71 -5.04 -5.62 13.78
C TYR B 71 -5.33 -4.13 13.57
N PRO B 72 -4.55 -3.24 14.20
CA PRO B 72 -4.86 -1.80 14.07
C PRO B 72 -4.58 -1.22 12.71
N PHE B 73 -3.76 -1.89 11.89
CA PHE B 73 -3.38 -1.40 10.57
C PHE B 73 -3.38 -2.55 9.56
N ASP B 74 -3.73 -2.22 8.33
CA ASP B 74 -3.51 -3.13 7.23
C ASP B 74 -2.03 -3.49 7.18
N PRO B 75 -1.66 -4.80 7.21
CA PRO B 75 -0.24 -5.16 7.40
C PRO B 75 0.64 -4.87 6.19
N ILE B 76 0.09 -4.85 4.98
CA ILE B 76 0.87 -4.49 3.81
C ILE B 76 1.36 -3.04 3.92
N VAL B 77 0.45 -2.13 4.26
CA VAL B 77 0.80 -0.72 4.51
C VAL B 77 1.81 -0.61 5.64
N LEU B 78 1.54 -1.27 6.76
CA LEU B 78 2.44 -1.20 7.92
C LEU B 78 3.82 -1.75 7.55
N ALA B 79 3.89 -2.89 6.86
CA ALA B 79 5.18 -3.44 6.44
C ALA B 79 5.91 -2.51 5.49
N ALA B 80 5.18 -1.87 4.59
CA ALA B 80 5.83 -0.93 3.68
C ALA B 80 6.46 0.23 4.47
N ALA B 81 5.73 0.76 5.45
CA ALA B 81 6.25 1.86 6.26
C ALA B 81 7.46 1.44 7.07
N ILE B 82 7.38 0.27 7.75
CA ILE B 82 8.48 -0.19 8.59
C ILE B 82 9.74 -0.41 7.75
N THR B 83 9.63 -1.16 6.65
CA THR B 83 10.82 -1.45 5.87
C THR B 83 11.34 -0.23 5.13
N GLY B 84 10.50 0.77 4.89
CA GLY B 84 11.01 2.03 4.36
C GLY B 84 11.97 2.71 5.32
N ARG B 85 11.78 2.51 6.63
CA ARG B 85 12.60 3.15 7.65
C ARG B 85 13.70 2.24 8.21
N VAL B 86 13.43 0.95 8.37
CA VAL B 86 14.31 0.00 9.04
C VAL B 86 14.94 -0.92 7.99
N PRO B 87 16.26 -0.95 7.87
CA PRO B 87 16.94 -1.83 6.90
C PRO B 87 17.04 -3.28 7.39
N ASP B 88 17.49 -4.16 6.46
CA ASP B 88 17.93 -5.53 6.75
C ASP B 88 16.80 -6.50 7.06
N ILE B 89 15.99 -6.19 8.06
CA ILE B 89 15.11 -7.21 8.60
C ILE B 89 14.01 -7.51 7.59
N GLY B 90 13.66 -8.77 7.46
CA GLY B 90 12.56 -9.14 6.57
C GLY B 90 11.22 -8.88 7.22
N GLY B 91 10.18 -9.11 6.44
CA GLY B 91 8.82 -8.93 6.90
C GLY B 91 7.88 -9.92 6.23
N ILE B 92 6.93 -10.44 6.99
CA ILE B 92 5.94 -11.39 6.49
C ILE B 92 4.57 -10.84 6.85
N VAL B 93 3.72 -10.62 5.83
CA VAL B 93 2.43 -9.98 6.03
C VAL B 93 1.31 -10.98 5.72
N THR B 94 0.29 -11.00 6.57
CA THR B 94 -0.86 -11.88 6.36
C THR B 94 -1.88 -11.19 5.48
N ALA B 95 -2.29 -11.86 4.40
CA ALA B 95 -3.45 -11.42 3.63
C ALA B 95 -4.25 -12.62 3.18
N SER B 96 -5.58 -12.49 3.22
CA SER B 96 -6.49 -13.59 2.99
C SER B 96 -6.79 -13.78 1.51
N THR B 97 -6.75 -15.03 1.05
CA THR B 97 -7.22 -15.37 -0.29
C THR B 97 -8.73 -15.31 -0.41
N SER B 98 -9.46 -15.29 0.71
CA SER B 98 -10.92 -15.35 0.65
C SER B 98 -11.56 -14.02 0.31
N PHE B 99 -10.92 -12.95 0.72
CA PHE B 99 -11.49 -11.64 0.52
C PHE B 99 -10.43 -10.68 0.00
N SER B 100 -9.89 -11.01 -1.14
CA SER B 100 -8.90 -10.23 -1.84
C SER B 100 -9.14 -10.41 -3.34
N LEU B 101 -8.80 -9.41 -4.08
CA LEU B 101 -8.71 -9.59 -5.53
C LEU B 101 -7.30 -10.04 -5.91
N PRO B 102 -7.14 -11.13 -6.66
CA PRO B 102 -5.77 -11.64 -6.87
C PRO B 102 -4.82 -10.65 -7.53
N TYR B 103 -5.28 -9.86 -8.51
CA TYR B 103 -4.38 -8.93 -9.19
C TYR B 103 -3.87 -7.85 -8.24
N THR B 104 -4.76 -7.29 -7.43
CA THR B 104 -4.34 -6.28 -6.47
C THR B 104 -3.35 -6.85 -5.47
N LEU B 105 -3.69 -8.01 -4.88
CA LEU B 105 -2.82 -8.60 -3.89
C LEU B 105 -1.47 -8.94 -4.49
N ALA B 106 -1.47 -9.54 -5.69
CA ALA B 106 -0.23 -9.86 -6.36
C ALA B 106 0.62 -8.61 -6.53
N ARG B 107 -0.03 -7.50 -6.88
CA ARG B 107 0.70 -6.26 -7.15
C ARG B 107 1.22 -5.61 -5.86
N GLN B 108 0.41 -5.61 -4.81
CA GLN B 108 0.85 -4.99 -3.56
C GLN B 108 1.99 -5.79 -2.91
N ILE B 109 1.91 -7.13 -2.90
CA ILE B 109 2.98 -7.92 -2.31
C ILE B 109 4.27 -7.78 -3.11
N ALA B 110 4.18 -7.92 -4.44
CA ALA B 110 5.33 -7.70 -5.32
C ALA B 110 5.91 -6.28 -5.15
N SER B 111 5.04 -5.28 -5.00
CA SER B 111 5.49 -3.91 -4.83
C SER B 111 6.24 -3.76 -3.51
N VAL B 112 5.64 -4.19 -2.41
CA VAL B 112 6.35 -3.97 -1.14
C VAL B 112 7.61 -4.83 -1.08
N ASN B 113 7.58 -6.00 -1.70
CA ASN B 113 8.79 -6.80 -1.73
C ASN B 113 9.89 -6.11 -2.53
N LEU B 114 9.57 -5.65 -3.73
CA LEU B 114 10.61 -5.03 -4.56
C LEU B 114 11.06 -3.70 -3.98
N LEU B 115 10.13 -2.89 -3.47
CA LEU B 115 10.51 -1.63 -2.83
C LEU B 115 11.47 -1.82 -1.64
N SER B 116 11.32 -2.90 -0.89
CA SER B 116 12.17 -3.11 0.29
C SER B 116 13.50 -3.78 -0.06
N GLY B 117 13.80 -3.96 -1.33
CA GLY B 117 14.96 -4.73 -1.70
C GLY B 117 14.80 -6.24 -1.52
N GLY B 118 13.58 -6.75 -1.61
CA GLY B 118 13.36 -8.19 -1.56
C GLY B 118 13.16 -8.74 -0.16
N ARG B 119 12.66 -7.94 0.77
CA ARG B 119 12.57 -8.34 2.16
C ARG B 119 11.17 -8.80 2.63
N ILE B 120 10.20 -9.00 1.74
CA ILE B 120 8.81 -9.13 2.20
C ILE B 120 8.22 -10.44 1.68
N GLY B 121 7.69 -11.25 2.60
CA GLY B 121 6.91 -12.42 2.26
C GLY B 121 5.43 -12.26 2.60
N TRP B 122 4.65 -13.25 2.15
CA TRP B 122 3.18 -13.20 2.21
C TRP B 122 2.67 -14.46 2.90
N ASN B 123 2.00 -14.29 4.03
CA ASN B 123 1.33 -15.39 4.71
C ASN B 123 -0.06 -15.54 4.11
N ALA B 124 -0.23 -16.50 3.20
CA ALA B 124 -1.48 -16.66 2.47
C ALA B 124 -2.44 -17.49 3.30
N VAL B 125 -3.55 -16.89 3.73
CA VAL B 125 -4.46 -17.53 4.66
C VAL B 125 -5.86 -17.50 4.05
N THR B 126 -6.73 -18.34 4.61
CA THR B 126 -8.17 -18.26 4.34
C THR B 126 -8.87 -17.58 5.53
N THR B 127 -10.13 -17.19 5.31
CA THR B 127 -10.95 -16.52 6.32
C THR B 127 -12.07 -17.46 6.77
N ALA B 128 -12.14 -17.73 8.07
CA ALA B 128 -13.29 -18.42 8.66
C ALA B 128 -14.14 -17.55 9.57
N ASN B 129 -13.72 -16.33 9.85
CA ASN B 129 -14.43 -15.48 10.79
C ASN B 129 -15.64 -14.82 10.12
N PRO B 130 -16.86 -15.06 10.59
CA PRO B 130 -18.03 -14.49 9.91
C PRO B 130 -18.09 -12.98 9.96
N ALA B 131 -17.44 -12.34 10.94
CA ALA B 131 -17.40 -10.88 10.94
C ALA B 131 -16.59 -10.35 9.77
N VAL B 132 -15.49 -11.02 9.42
CA VAL B 132 -14.73 -10.60 8.24
C VAL B 132 -15.60 -10.70 7.00
N ALA B 133 -16.22 -11.87 6.78
CA ALA B 133 -17.02 -12.06 5.58
C ALA B 133 -18.11 -11.01 5.47
N ALA B 134 -18.74 -10.66 6.60
CA ALA B 134 -19.75 -9.60 6.59
C ALA B 134 -19.20 -8.23 6.17
N ASN B 135 -17.91 -7.98 6.33
CA ASN B 135 -17.42 -6.71 5.85
C ASN B 135 -17.23 -6.70 4.35
N TYR B 136 -17.38 -7.85 3.71
CA TYR B 136 -17.32 -7.99 2.26
C TYR B 136 -18.65 -8.44 1.68
N GLY B 137 -19.72 -8.37 2.46
CA GLY B 137 -21.01 -8.73 1.90
C GLY B 137 -21.19 -10.19 1.64
N ALA B 138 -20.45 -11.05 2.35
CA ALA B 138 -20.42 -12.45 2.02
C ALA B 138 -20.61 -13.30 3.27
N ALA B 139 -20.92 -14.57 3.02
CA ALA B 139 -20.97 -15.58 4.06
C ALA B 139 -19.70 -16.40 3.97
N ILE B 140 -19.28 -16.95 5.11
CA ILE B 140 -18.08 -17.78 5.11
C ILE B 140 -18.32 -19.01 4.23
N ALA B 141 -17.33 -19.36 3.42
CA ALA B 141 -17.43 -20.54 2.59
C ALA B 141 -17.10 -21.78 3.40
N THR B 142 -17.53 -22.94 2.89
CA THR B 142 -17.14 -24.20 3.51
C THR B 142 -15.61 -24.32 3.52
N HIS B 143 -15.12 -25.18 4.41
CA HIS B 143 -13.68 -25.43 4.47
C HIS B 143 -13.13 -25.80 3.10
N ASP B 144 -13.82 -26.70 2.40
CA ASP B 144 -13.38 -27.17 1.10
C ASP B 144 -13.24 -26.02 0.11
N ASN B 145 -14.32 -25.26 -0.06
CA ASN B 145 -14.34 -24.16 -1.01
C ASN B 145 -13.31 -23.10 -0.64
N ARG B 146 -13.06 -22.91 0.66
CA ARG B 146 -12.06 -21.95 1.10
C ARG B 146 -10.70 -22.33 0.53
N TYR B 147 -10.36 -23.61 0.60
CA TYR B 147 -9.08 -24.03 0.08
C TYR B 147 -9.08 -24.22 -1.42
N GLU B 148 -10.24 -24.47 -2.02
CA GLU B 148 -10.31 -24.44 -3.47
C GLU B 148 -9.99 -23.05 -3.98
N ARG B 149 -10.61 -22.04 -3.39
CA ARG B 149 -10.37 -20.67 -3.77
C ARG B 149 -8.92 -20.28 -3.50
N ALA B 150 -8.39 -20.66 -2.33
CA ALA B 150 -7.01 -20.34 -1.99
C ALA B 150 -6.05 -20.87 -3.03
N GLU B 151 -6.24 -22.12 -3.44
CA GLU B 151 -5.28 -22.74 -4.36
C GLU B 151 -5.33 -22.09 -5.74
N GLU B 152 -6.52 -21.74 -6.23
CA GLU B 152 -6.63 -20.98 -7.47
C GLU B 152 -6.01 -19.59 -7.34
N PHE B 153 -6.21 -18.96 -6.19
CA PHE B 153 -5.64 -17.64 -5.92
C PHE B 153 -4.11 -17.69 -6.02
N LEU B 154 -3.51 -18.69 -5.37
CA LEU B 154 -2.05 -18.85 -5.37
C LEU B 154 -1.51 -19.13 -6.77
N GLU B 155 -2.20 -19.96 -7.56
CA GLU B 155 -1.75 -20.17 -8.94
C GLU B 155 -1.84 -18.87 -9.76
N VAL B 156 -2.90 -18.08 -9.57
CA VAL B 156 -3.00 -16.78 -10.24
C VAL B 156 -1.85 -15.87 -9.83
N VAL B 157 -1.61 -15.73 -8.53
CA VAL B 157 -0.59 -14.79 -8.04
C VAL B 157 0.78 -15.19 -8.57
N HIS B 158 1.11 -16.49 -8.50
CA HIS B 158 2.42 -16.93 -8.96
C HIS B 158 2.59 -16.70 -10.47
N GLY B 159 1.55 -17.01 -11.25
CA GLY B 159 1.58 -16.68 -12.68
C GLY B 159 1.74 -15.18 -12.91
N LEU B 160 1.07 -14.35 -12.10
CA LEU B 160 1.20 -12.91 -12.28
C LEU B 160 2.61 -12.44 -11.97
N TRP B 161 3.15 -12.87 -10.83
CA TRP B 161 4.53 -12.52 -10.51
C TRP B 161 5.51 -12.89 -11.61
N ASN B 162 5.22 -13.94 -12.36
CA ASN B 162 6.14 -14.37 -13.41
C ASN B 162 5.87 -13.72 -14.75
N SER B 163 4.83 -12.90 -14.86
CA SER B 163 4.34 -12.46 -16.16
C SER B 163 5.11 -11.29 -16.73
N TRP B 164 5.96 -10.63 -15.94
CA TRP B 164 6.77 -9.52 -16.42
C TRP B 164 8.21 -9.72 -15.96
N LYS B 165 9.08 -10.14 -16.86
CA LYS B 165 10.49 -10.35 -16.55
C LYS B 165 11.29 -9.23 -17.17
N PHE B 166 11.45 -8.15 -16.42
CA PHE B 166 12.25 -7.00 -16.83
C PHE B 166 13.71 -7.40 -16.95
N PRO B 167 14.44 -6.90 -17.97
CA PRO B 167 15.85 -7.30 -18.15
C PRO B 167 16.82 -6.53 -17.26
N TRP B 168 16.99 -7.00 -16.02
CA TRP B 168 17.76 -6.25 -15.03
C TRP B 168 19.19 -5.99 -15.48
N ASP B 169 19.74 -6.87 -16.33
CA ASP B 169 21.09 -6.75 -16.88
C ASP B 169 21.19 -5.81 -18.06
N GLU B 170 20.09 -5.46 -18.69
CA GLU B 170 20.16 -4.57 -19.83
C GLU B 170 19.16 -3.42 -19.67
N ALA B 171 19.36 -2.64 -18.62
CA ALA B 171 18.51 -1.51 -18.30
C ALA B 171 19.16 -0.18 -18.59
N ILE B 172 20.38 -0.15 -19.13
CA ILE B 172 21.11 1.07 -19.41
C ILE B 172 21.54 1.04 -20.87
N GLY B 173 21.06 2.02 -21.66
CA GLY B 173 21.53 2.20 -23.01
C GLY B 173 20.68 1.48 -24.03
N PRO B 174 21.15 1.46 -25.29
CA PRO B 174 20.32 0.94 -26.39
C PRO B 174 19.78 -0.46 -26.09
N ASN B 175 18.49 -0.61 -26.21
CA ASN B 175 17.82 -1.88 -26.11
C ASN B 175 16.53 -1.71 -26.86
N PRO B 176 16.29 -2.48 -27.91
CA PRO B 176 15.00 -2.41 -28.60
C PRO B 176 13.88 -3.11 -27.84
N ASN B 177 14.19 -3.84 -26.78
CA ASN B 177 13.21 -4.56 -25.98
C ASN B 177 13.37 -4.20 -24.50
N PRO B 178 13.14 -2.93 -24.13
CA PRO B 178 13.42 -2.51 -22.75
C PRO B 178 12.51 -3.15 -21.71
N PHE B 179 11.31 -3.61 -22.07
CA PHE B 179 10.46 -4.24 -21.07
C PHE B 179 10.80 -5.69 -20.79
N GLY B 180 11.60 -6.35 -21.66
CA GLY B 180 11.87 -7.76 -21.45
C GLY B 180 10.68 -8.63 -21.85
N GLU B 181 10.54 -9.78 -21.21
CA GLU B 181 9.50 -10.73 -21.56
C GLU B 181 8.22 -10.41 -20.80
N VAL B 182 7.17 -10.07 -21.54
CA VAL B 182 5.89 -9.73 -20.97
C VAL B 182 4.88 -10.74 -21.48
N MET B 183 4.15 -11.37 -20.57
CA MET B 183 3.11 -12.25 -21.10
C MET B 183 1.87 -12.26 -20.22
N PRO B 184 0.67 -12.22 -20.82
CA PRO B 184 -0.53 -12.44 -20.02
C PRO B 184 -0.56 -13.85 -19.45
N ILE B 185 -1.30 -14.03 -18.37
CA ILE B 185 -1.60 -15.37 -17.90
C ILE B 185 -2.90 -15.92 -18.47
N ASN B 186 -3.84 -15.06 -18.85
CA ASN B 186 -5.13 -15.46 -19.40
C ASN B 186 -5.74 -16.61 -18.58
N HIS B 187 -5.90 -16.35 -17.30
CA HIS B 187 -6.41 -17.38 -16.41
C HIS B 187 -7.92 -17.35 -16.37
N GLU B 188 -8.53 -18.53 -16.44
CA GLU B 188 -9.95 -18.63 -16.16
C GLU B 188 -10.17 -19.91 -15.38
N GLY B 189 -10.70 -19.79 -14.18
CA GLY B 189 -10.99 -20.95 -13.35
C GLY B 189 -12.34 -20.85 -12.68
N LYS B 190 -12.54 -21.60 -11.59
CA LYS B 190 -13.83 -21.52 -10.91
C LYS B 190 -14.09 -20.14 -10.35
N TYR B 191 -13.07 -19.53 -9.75
CA TYR B 191 -13.27 -18.33 -8.95
C TYR B 191 -12.87 -17.05 -9.64
N PHE B 192 -11.89 -17.10 -10.54
CA PHE B 192 -11.23 -15.91 -11.04
C PHE B 192 -11.03 -16.01 -12.54
N LYS B 193 -11.13 -14.87 -13.19
CA LYS B 193 -10.75 -14.69 -14.58
C LYS B 193 -9.77 -13.52 -14.57
N VAL B 194 -8.51 -13.77 -14.91
CA VAL B 194 -7.50 -12.72 -14.84
C VAL B 194 -6.60 -12.80 -16.07
N ALA B 195 -6.47 -11.68 -16.76
CA ALA B 195 -5.66 -11.71 -17.97
C ALA B 195 -4.19 -11.50 -17.65
N GLY B 196 -3.87 -10.48 -16.86
CA GLY B 196 -2.48 -10.09 -16.66
C GLY B 196 -2.07 -9.41 -17.95
N PRO B 197 -0.79 -9.07 -18.10
CA PRO B 197 0.31 -9.25 -17.15
C PRO B 197 0.23 -8.30 -15.90
N LEU B 198 0.99 -8.63 -14.87
CA LEU B 198 1.19 -7.77 -13.70
C LEU B 198 2.06 -6.59 -14.05
N ASN B 199 1.83 -5.45 -13.39
CA ASN B 199 2.63 -4.28 -13.69
C ASN B 199 3.72 -4.06 -12.66
N VAL B 200 4.18 -5.14 -12.04
CA VAL B 200 5.38 -5.13 -11.20
C VAL B 200 6.30 -6.23 -11.73
N PRO B 201 7.57 -5.95 -11.96
CA PRO B 201 8.44 -6.96 -12.56
C PRO B 201 8.97 -7.95 -11.54
N LEU B 202 9.22 -9.17 -12.01
CA LEU B 202 9.85 -10.18 -11.16
C LEU B 202 11.29 -9.76 -10.88
N PRO B 203 11.72 -9.76 -9.61
CA PRO B 203 13.09 -9.32 -9.28
C PRO B 203 14.10 -10.34 -9.74
N PRO B 204 15.35 -9.91 -9.96
CA PRO B 204 16.38 -10.88 -10.32
C PRO B 204 16.57 -11.96 -9.28
N TYR B 205 16.18 -11.74 -8.03
CA TYR B 205 16.35 -12.73 -6.98
C TYR B 205 15.10 -13.59 -6.73
N GLY B 206 14.10 -13.54 -7.60
CA GLY B 206 12.93 -14.39 -7.45
C GLY B 206 11.76 -13.72 -6.77
N PRO B 207 10.63 -14.43 -6.70
CA PRO B 207 9.38 -13.80 -6.24
C PRO B 207 9.33 -13.71 -4.72
N PRO B 208 8.30 -13.06 -4.17
CA PRO B 208 8.16 -12.99 -2.70
C PRO B 208 8.00 -14.38 -2.08
N VAL B 209 8.53 -14.53 -0.86
CA VAL B 209 8.39 -15.80 -0.15
C VAL B 209 6.93 -16.01 0.24
N VAL B 210 6.41 -17.22 0.01
CA VAL B 210 5.03 -17.52 0.39
C VAL B 210 5.04 -18.36 1.66
N VAL B 211 4.17 -18.03 2.60
CA VAL B 211 4.08 -18.68 3.89
C VAL B 211 2.71 -19.34 4.00
N GLN B 212 2.68 -20.56 4.52
CA GLN B 212 1.41 -21.28 4.73
C GLN B 212 1.31 -21.72 6.18
N ALA B 213 0.09 -21.69 6.69
CA ALA B 213 -0.20 -22.04 8.07
C ALA B 213 -1.29 -23.10 8.23
N GLY B 214 -2.01 -23.50 7.17
CA GLY B 214 -3.07 -24.48 7.30
C GLY B 214 -2.64 -25.85 7.79
N GLY B 215 -3.14 -26.26 8.96
CA GLY B 215 -2.81 -27.57 9.53
C GLY B 215 -3.73 -28.69 9.06
N SER B 216 -4.85 -28.36 8.47
CA SER B 216 -5.78 -29.36 8.00
C SER B 216 -5.14 -30.09 6.85
N ASP B 217 -5.78 -31.15 6.40
CA ASP B 217 -5.24 -31.93 5.29
C ASP B 217 -5.20 -31.12 4.00
N GLN B 218 -6.22 -30.30 3.74
CA GLN B 218 -6.16 -29.39 2.59
C GLN B 218 -5.08 -28.32 2.79
N GLY B 219 -4.80 -27.97 4.04
CA GLY B 219 -3.71 -27.04 4.30
C GLY B 219 -2.35 -27.61 3.94
N LYS B 220 -2.13 -28.90 4.26
CA LYS B 220 -0.86 -29.54 3.94
C LYS B 220 -0.70 -29.77 2.44
N ARG B 221 -1.79 -30.06 1.75
CA ARG B 221 -1.73 -30.15 0.29
C ARG B 221 -1.33 -28.81 -0.31
N LEU B 222 -1.99 -27.73 0.14
CA LEU B 222 -1.65 -26.40 -0.35
C LEU B 222 -0.21 -26.03 -0.03
N ALA B 223 0.25 -26.40 1.17
CA ALA B 223 1.62 -26.07 1.54
C ALA B 223 2.64 -26.88 0.75
N SER B 224 2.27 -28.10 0.33
CA SER B 224 3.21 -28.91 -0.44
C SER B 224 3.50 -28.28 -1.81
N ARG B 225 2.56 -27.53 -2.36
CA ARG B 225 2.78 -26.81 -3.61
C ARG B 225 3.33 -25.40 -3.42
N PHE B 226 2.86 -24.66 -2.40
CA PHE B 226 3.16 -23.25 -2.28
C PHE B 226 3.80 -22.83 -0.96
N GLY B 227 3.85 -23.71 0.04
CA GLY B 227 4.41 -23.30 1.31
C GLY B 227 5.92 -23.35 1.32
N GLU B 228 6.57 -22.19 1.30
CA GLU B 228 8.01 -22.17 1.49
C GLU B 228 8.37 -22.08 2.97
N ILE B 229 7.51 -21.43 3.74
CA ILE B 229 7.52 -21.49 5.17
C ILE B 229 6.19 -22.08 5.60
N ILE B 230 6.22 -22.96 6.60
CA ILE B 230 5.01 -23.50 7.19
C ILE B 230 4.99 -23.11 8.65
N TYR B 231 3.97 -22.36 9.05
CA TYR B 231 3.71 -22.15 10.47
C TYR B 231 2.93 -23.35 10.96
N ALA B 232 3.42 -23.99 12.00
CA ALA B 232 2.74 -25.19 12.46
C ALA B 232 2.59 -25.14 13.97
N PHE B 233 1.51 -25.75 14.45
CA PHE B 233 1.37 -26.14 15.85
C PHE B 233 2.01 -27.51 16.01
N LEU B 234 3.12 -27.58 16.73
CA LEU B 234 3.80 -28.84 17.01
C LEU B 234 3.66 -29.12 18.51
N GLY B 235 2.79 -30.07 18.86
CA GLY B 235 2.56 -30.44 20.23
C GLY B 235 3.80 -31.00 20.91
N SER B 236 4.29 -32.12 20.40
CA SER B 236 5.46 -32.78 20.98
C SER B 236 6.59 -32.80 19.96
N LYS B 237 7.78 -33.02 20.47
CA LYS B 237 8.97 -33.05 19.62
C LYS B 237 8.90 -34.18 18.60
N PRO B 238 8.57 -35.41 18.97
CA PRO B 238 8.36 -36.45 17.94
C PRO B 238 7.26 -36.10 16.94
N ALA B 239 6.16 -35.49 17.38
CA ALA B 239 5.16 -35.08 16.40
C ALA B 239 5.74 -34.04 15.45
N GLY B 240 6.56 -33.12 15.98
CA GLY B 240 7.21 -32.15 15.14
C GLY B 240 8.16 -32.79 14.15
N ARG B 241 9.01 -33.69 14.63
CA ARG B 241 9.90 -34.40 13.72
C ARG B 241 9.13 -35.05 12.58
N ARG B 242 7.97 -35.66 12.89
CA ARG B 242 7.18 -36.28 11.83
C ARG B 242 6.60 -35.24 10.88
N PHE B 243 6.07 -34.14 11.42
CA PHE B 243 5.53 -33.07 10.59
C PHE B 243 6.60 -32.55 9.62
N VAL B 244 7.81 -32.26 10.12
CA VAL B 244 8.85 -31.75 9.24
C VAL B 244 9.17 -32.76 8.14
N ALA B 245 9.40 -34.02 8.53
CA ALA B 245 9.73 -35.04 7.54
C ALA B 245 8.61 -35.20 6.52
N GLU B 246 7.36 -35.18 6.97
CA GLU B 246 6.26 -35.26 5.99
C GLU B 246 6.20 -34.03 5.10
N ALA B 247 6.47 -32.84 5.63
CA ALA B 247 6.36 -31.65 4.79
C ALA B 247 7.44 -31.62 3.72
N ARG B 248 8.67 -32.04 4.07
CA ARG B 248 9.72 -32.12 3.08
C ARG B 248 9.39 -33.14 2.00
N ALA B 249 8.85 -34.29 2.41
CA ALA B 249 8.47 -35.33 1.44
C ALA B 249 7.37 -34.84 0.50
N ALA B 250 6.33 -34.18 1.04
CA ALA B 250 5.25 -33.71 0.20
C ALA B 250 5.72 -32.62 -0.75
N ALA B 251 6.65 -31.77 -0.33
CA ALA B 251 7.20 -30.80 -1.26
C ALA B 251 8.01 -31.48 -2.34
N ARG B 252 8.83 -32.47 -1.97
CA ARG B 252 9.60 -33.22 -2.95
C ARG B 252 8.70 -33.84 -4.00
N ALA B 253 7.58 -34.41 -3.55
CA ALA B 253 6.67 -35.08 -4.48
C ALA B 253 6.09 -34.10 -5.50
N GLN B 254 5.87 -32.84 -5.11
CA GLN B 254 5.41 -31.82 -6.06
C GLN B 254 6.52 -31.29 -6.94
N GLY B 255 7.68 -31.92 -6.92
CA GLY B 255 8.75 -31.53 -7.79
C GLY B 255 9.49 -30.28 -7.39
N ARG B 256 9.45 -29.91 -6.12
CA ARG B 256 10.16 -28.73 -5.68
C ARG B 256 11.57 -29.10 -5.25
N PRO B 257 12.51 -28.15 -5.33
CA PRO B 257 13.91 -28.47 -5.04
C PRO B 257 14.09 -28.89 -3.59
N GLU B 258 15.24 -29.51 -3.33
CA GLU B 258 15.56 -29.85 -1.95
C GLU B 258 15.91 -28.56 -1.20
N GLY B 259 15.56 -28.54 0.08
CA GLY B 259 15.79 -27.35 0.89
C GLY B 259 14.88 -26.19 0.52
N SER B 260 13.62 -26.49 0.18
CA SER B 260 12.66 -25.49 -0.23
C SER B 260 11.57 -25.25 0.81
N THR B 261 11.69 -25.83 2.02
CA THR B 261 10.62 -25.84 3.01
C THR B 261 11.18 -25.54 4.39
N LEU B 262 10.58 -24.58 5.09
CA LEU B 262 10.94 -24.28 6.47
C LEU B 262 9.70 -24.40 7.35
N VAL B 263 9.82 -25.17 8.43
CA VAL B 263 8.71 -25.33 9.38
C VAL B 263 9.07 -24.57 10.65
N LEU B 264 8.28 -23.56 10.96
CA LEU B 264 8.52 -22.68 12.11
C LEU B 264 7.33 -22.75 13.06
N PRO B 265 7.40 -23.52 14.14
CA PRO B 265 6.40 -23.37 15.19
C PRO B 265 6.61 -22.06 15.95
N SER B 266 5.53 -21.57 16.53
CA SER B 266 5.62 -20.36 17.34
C SER B 266 5.53 -20.71 18.82
N PHE B 267 6.10 -19.83 19.64
CA PHE B 267 6.06 -19.99 21.08
C PHE B 267 6.05 -18.62 21.71
N VAL B 268 5.60 -18.57 22.95
CA VAL B 268 5.59 -17.35 23.75
C VAL B 268 6.73 -17.45 24.76
N PRO B 269 7.73 -16.56 24.72
CA PRO B 269 8.82 -16.65 25.68
C PRO B 269 8.43 -16.05 27.02
N LEU B 270 8.97 -16.63 28.10
CA LEU B 270 8.83 -16.12 29.46
C LEU B 270 10.21 -16.27 30.11
N ILE B 271 10.94 -15.18 30.27
CA ILE B 271 12.36 -15.25 30.61
C ILE B 271 12.59 -14.61 31.97
N GLY B 272 13.14 -15.39 32.90
CA GLY B 272 13.54 -14.88 34.19
C GLY B 272 14.99 -15.23 34.47
N SER B 273 15.58 -14.45 35.39
CA SER B 273 16.96 -14.65 35.79
C SER B 273 17.12 -15.84 36.73
N THR B 274 16.10 -16.12 37.54
CA THR B 274 16.15 -17.23 38.49
C THR B 274 14.89 -18.08 38.34
N GLU B 275 15.01 -19.35 38.76
CA GLU B 275 13.84 -20.22 38.82
C GLU B 275 12.70 -19.58 39.59
N ALA B 276 13.03 -18.73 40.58
CA ALA B 276 12.01 -18.10 41.40
C ALA B 276 11.28 -17.02 40.62
N GLU B 277 12.03 -16.17 39.92
CA GLU B 277 11.38 -15.19 39.06
C GLU B 277 10.55 -15.88 37.97
N VAL B 278 11.01 -17.02 37.47
CA VAL B 278 10.23 -17.73 36.44
C VAL B 278 8.87 -18.13 36.99
N LYS B 279 8.83 -18.61 38.23
CA LYS B 279 7.55 -18.91 38.87
C LYS B 279 6.69 -17.65 38.99
N ARG B 280 7.26 -16.58 39.54
CA ARG B 280 6.58 -15.29 39.56
C ARG B 280 5.95 -14.99 38.21
N LEU B 281 6.76 -15.09 37.14
CA LEU B 281 6.28 -14.68 35.83
C LEU B 281 5.27 -15.66 35.26
N VAL B 282 5.43 -16.96 35.55
CA VAL B 282 4.45 -17.92 35.04
C VAL B 282 3.09 -17.69 35.70
N ALA B 283 3.08 -17.31 36.98
CA ALA B 283 1.83 -16.99 37.65
C ALA B 283 1.20 -15.72 37.06
N GLU B 284 2.03 -14.71 36.78
CA GLU B 284 1.52 -13.47 36.20
C GLU B 284 0.86 -13.75 34.86
N TYR B 285 1.63 -14.30 33.92
CA TYR B 285 1.08 -14.66 32.61
C TYR B 285 -0.14 -15.56 32.75
N GLU B 286 -0.18 -16.38 33.80
CA GLU B 286 -1.32 -17.26 34.04
C GLU B 286 -2.62 -16.46 34.20
N ALA B 287 -2.58 -15.37 34.98
CA ALA B 287 -3.74 -14.47 35.04
C ALA B 287 -3.90 -13.64 33.77
N GLY B 288 -3.00 -13.79 32.80
CA GLY B 288 -2.92 -12.91 31.65
C GLY B 288 -4.09 -12.94 30.68
N LEU B 289 -4.21 -14.01 29.89
CA LEU B 289 -5.19 -14.09 28.81
C LEU B 289 -6.53 -14.67 29.26
N ASP B 290 -6.86 -14.56 30.55
CA ASP B 290 -8.13 -15.07 31.09
C ASP B 290 -9.22 -13.98 31.10
N PRO B 291 -10.44 -14.29 30.60
CA PRO B 291 -10.87 -15.54 29.96
C PRO B 291 -11.16 -15.47 28.45
N ALA B 292 -10.78 -14.40 27.78
CA ALA B 292 -11.13 -14.23 26.36
C ALA B 292 -9.93 -14.47 25.44
N GLN B 294 -10.18 -14.00 20.98
CA GLN B 294 -10.35 -14.87 19.81
C GLN B 294 -9.45 -16.07 19.94
N ARG B 295 -8.57 -16.06 20.93
CA ARG B 295 -7.71 -17.23 21.04
C ARG B 295 -8.20 -18.21 22.11
N ILE B 296 -8.64 -17.70 23.27
CA ILE B 296 -8.96 -18.58 24.39
C ILE B 296 -10.34 -19.19 24.23
N GLU B 297 -11.35 -18.36 23.97
CA GLU B 297 -12.71 -18.86 23.84
C GLU B 297 -12.90 -19.74 22.59
N ALA B 298 -11.89 -19.82 21.72
CA ALA B 298 -11.99 -20.61 20.48
C ALA B 298 -11.64 -22.07 20.67
N LEU B 299 -10.77 -22.40 21.63
CA LEU B 299 -10.45 -23.80 21.89
C LEU B 299 -11.47 -24.44 22.82
N SER B 300 -11.94 -23.70 23.82
CA SER B 300 -13.11 -24.16 24.58
C SER B 300 -14.30 -24.38 23.66
N LYS B 301 -14.31 -23.71 22.51
CA LYS B 301 -15.34 -23.94 21.50
C LYS B 301 -15.00 -25.16 20.64
N GLN B 302 -13.75 -25.26 20.19
CA GLN B 302 -13.32 -26.44 19.45
C GLN B 302 -13.17 -27.66 20.35
N LEU B 303 -13.24 -27.48 21.67
CA LEU B 303 -13.22 -28.60 22.59
C LEU B 303 -14.59 -28.80 23.25
N VAL B 315 -10.29 -28.20 37.30
CA VAL B 315 -9.55 -29.15 36.48
C VAL B 315 -10.47 -29.82 35.47
N LEU B 316 -9.89 -30.34 34.40
CA LEU B 316 -10.62 -31.02 33.35
C LEU B 316 -10.76 -32.50 33.67
N GLN B 317 -11.87 -33.08 33.21
CA GLN B 317 -12.16 -34.51 33.35
C GLN B 317 -12.67 -35.05 32.02
N GLU B 318 -12.62 -36.38 31.88
CA GLU B 318 -12.97 -37.01 30.62
C GLU B 318 -14.40 -36.71 30.15
N LYS B 319 -15.23 -36.08 30.98
CA LYS B 319 -16.63 -35.86 30.63
C LYS B 319 -16.93 -34.45 30.12
N ASP B 320 -16.05 -33.48 30.38
CA ASP B 320 -16.35 -32.09 30.06
C ASP B 320 -16.34 -31.82 28.56
N PHE B 321 -15.48 -32.49 27.81
CA PHE B 321 -15.25 -32.18 26.40
C PHE B 321 -16.43 -32.61 25.54
N ASN B 322 -16.62 -31.89 24.43
CA ASN B 322 -17.48 -32.30 23.31
C ASN B 322 -16.87 -32.01 21.94
N LEU B 323 -15.84 -32.75 21.60
CA LEU B 323 -15.09 -32.44 20.40
C LEU B 323 -16.02 -32.35 19.20
N PRO B 324 -15.99 -31.25 18.44
CA PRO B 324 -16.96 -31.09 17.33
C PRO B 324 -16.84 -32.22 16.32
N LYS B 325 -17.99 -32.65 15.81
CA LYS B 325 -18.04 -33.70 14.81
C LYS B 325 -17.45 -33.21 13.48
N THR B 329 -9.60 -27.81 12.29
CA THR B 329 -8.40 -28.48 12.78
C THR B 329 -8.62 -29.99 13.01
N PRO B 330 -7.60 -30.79 12.68
CA PRO B 330 -7.77 -32.25 12.74
C PRO B 330 -8.09 -32.74 14.15
N ILE B 331 -8.93 -33.77 14.23
CA ILE B 331 -9.32 -34.32 15.52
C ILE B 331 -8.09 -34.78 16.28
N GLY B 332 -7.03 -35.18 15.56
CA GLY B 332 -5.82 -35.63 16.23
C GLY B 332 -5.24 -34.59 17.16
N ILE B 333 -5.08 -33.36 16.65
CA ILE B 333 -4.63 -32.25 17.49
C ILE B 333 -5.57 -32.05 18.68
N LEU B 334 -6.88 -32.08 18.41
CA LEU B 334 -7.87 -31.91 19.47
C LEU B 334 -7.70 -32.95 20.57
N LYS B 335 -7.61 -34.23 20.18
CA LYS B 335 -7.48 -35.30 21.18
C LYS B 335 -6.11 -35.25 21.85
N SER B 336 -5.06 -34.89 21.11
CA SER B 336 -3.75 -34.69 21.72
C SER B 336 -3.82 -33.67 22.84
N MET B 337 -4.67 -32.65 22.70
CA MET B 337 -4.79 -31.65 23.76
C MET B 337 -5.59 -32.21 24.93
N VAL B 338 -6.67 -32.92 24.63
CA VAL B 338 -7.39 -33.63 25.68
C VAL B 338 -6.47 -34.59 26.41
N ASP B 339 -5.56 -35.26 25.67
CA ASP B 339 -4.61 -36.17 26.30
C ASP B 339 -3.67 -35.44 27.25
N VAL B 340 -3.22 -34.24 26.85
CA VAL B 340 -2.31 -33.48 27.69
C VAL B 340 -3.04 -32.98 28.95
N ALA B 341 -4.30 -32.55 28.82
CA ALA B 341 -5.03 -32.04 29.98
C ALA B 341 -5.36 -33.16 30.97
N LEU B 342 -5.56 -34.39 30.48
CA LEU B 342 -5.90 -35.51 31.34
C LEU B 342 -4.67 -36.12 31.99
N ASP B 343 -3.54 -36.15 31.30
CA ASP B 343 -2.32 -36.76 31.82
C ASP B 343 -1.51 -35.81 32.70
N GLU B 344 -2.08 -34.68 33.11
CA GLU B 344 -1.46 -33.76 34.07
C GLU B 344 -2.50 -33.24 35.07
N LEU B 346 -4.77 -30.81 34.53
CA LEU B 346 -4.71 -29.46 33.98
C LEU B 346 -6.12 -28.89 33.74
N SER B 347 -6.29 -27.63 34.11
CA SER B 347 -7.50 -26.87 33.90
C SER B 347 -7.49 -26.29 32.51
N LEU B 348 -8.46 -25.46 32.20
CA LEU B 348 -8.34 -24.74 30.94
C LEU B 348 -7.29 -23.64 31.04
N ARG B 349 -7.21 -22.99 32.22
CA ARG B 349 -6.22 -21.95 32.42
C ARG B 349 -4.81 -22.52 32.58
N GLN B 350 -4.70 -23.80 32.93
CA GLN B 350 -3.42 -24.49 32.96
C GLN B 350 -3.06 -25.09 31.61
N LEU B 351 -4.06 -25.46 30.81
CA LEU B 351 -3.83 -26.09 29.52
C LEU B 351 -3.39 -25.06 28.47
N ALA B 352 -3.98 -23.86 28.49
CA ALA B 352 -3.57 -22.84 27.54
C ALA B 352 -2.11 -22.44 27.78
N LEU B 353 -1.74 -22.24 29.05
CA LEU B 353 -0.33 -22.06 29.41
C LEU B 353 0.53 -23.12 28.74
N ARG B 354 0.22 -24.39 29.00
CA ARG B 354 1.03 -25.50 28.51
C ARG B 354 1.23 -25.44 27.00
N MET B 355 0.22 -24.96 26.26
CA MET B 355 0.24 -25.01 24.79
C MET B 355 1.15 -23.98 24.15
N ARG B 356 1.46 -22.87 24.82
CA ARG B 356 2.21 -21.78 24.20
C ARG B 356 3.60 -21.57 24.79
N LEU B 357 3.74 -21.79 26.09
CA LEU B 357 4.82 -21.19 26.84
C LEU B 357 6.12 -21.97 26.73
N ILE B 358 7.22 -21.24 26.63
CA ILE B 358 8.54 -21.74 26.97
C ILE B 358 9.07 -20.74 27.99
N ALA B 359 9.01 -21.12 29.26
CA ALA B 359 9.40 -20.26 30.38
C ALA B 359 10.68 -20.78 31.00
N GLY B 360 11.64 -19.91 31.22
CA GLY B 360 12.85 -20.36 31.87
C GLY B 360 13.84 -19.24 32.00
N THR B 361 15.05 -19.61 32.38
CA THR B 361 16.15 -18.69 32.31
C THR B 361 16.60 -18.60 30.87
N PRO B 362 17.40 -17.59 30.52
CA PRO B 362 17.90 -17.50 29.15
C PRO B 362 18.56 -18.78 28.67
N ASP B 363 19.36 -19.41 29.53
CA ASP B 363 20.02 -20.62 29.06
C ASP B 363 19.04 -21.75 28.88
N GLN B 364 18.06 -21.87 29.79
CA GLN B 364 17.04 -22.89 29.63
C GLN B 364 16.30 -22.70 28.31
N VAL B 365 15.91 -21.47 27.99
CA VAL B 365 15.13 -21.23 26.78
C VAL B 365 15.96 -21.56 25.56
N ALA B 366 17.20 -21.08 25.52
CA ALA B 366 18.06 -21.38 24.39
C ALA B 366 18.22 -22.89 24.20
N ASP B 367 18.30 -23.64 25.31
CA ASP B 367 18.55 -25.06 25.19
C ASP B 367 17.36 -25.80 24.61
N ARG B 368 16.14 -25.47 25.06
CA ARG B 368 14.96 -26.06 24.46
C ARG B 368 14.90 -25.78 22.97
N LEU B 369 15.15 -24.51 22.57
CA LEU B 369 15.06 -24.16 21.17
C LEU B 369 16.07 -24.94 20.36
N ILE B 370 17.31 -25.01 20.88
CA ILE B 370 18.38 -25.75 20.19
C ILE B 370 18.03 -27.23 20.11
N ASP B 371 17.43 -27.76 21.18
CA ASP B 371 17.08 -29.18 21.24
C ASP B 371 16.10 -29.55 20.13
N TRP B 372 15.02 -28.78 19.99
CA TRP B 372 14.03 -29.04 18.95
C TRP B 372 14.62 -28.90 17.56
N TRP B 373 15.52 -27.93 17.38
CA TRP B 373 16.01 -27.61 16.04
C TRP B 373 17.07 -28.60 15.57
N GLN B 374 18.00 -28.99 16.45
CA GLN B 374 19.04 -29.93 16.03
C GLN B 374 18.48 -31.33 15.81
N ASP B 375 17.39 -31.69 16.47
CA ASP B 375 16.66 -32.92 16.19
C ASP B 375 15.69 -32.78 15.02
N GLU B 376 15.66 -31.64 14.34
CA GLU B 376 14.82 -31.41 13.17
C GLU B 376 13.33 -31.58 13.46
N ALA B 377 12.92 -31.23 14.66
CA ALA B 377 11.51 -31.01 14.94
C ALA B 377 11.04 -29.63 14.44
N ALA B 378 11.96 -28.79 14.00
CA ALA B 378 11.68 -27.41 13.65
C ALA B 378 12.88 -26.84 12.90
N ASP B 379 12.62 -26.00 11.91
CA ASP B 379 13.74 -25.35 11.24
C ASP B 379 14.08 -24.00 11.86
N GLY B 380 13.26 -23.56 12.80
CA GLY B 380 13.34 -22.24 13.39
C GLY B 380 12.05 -22.03 14.16
N PHE B 381 11.85 -20.81 14.64
CA PHE B 381 10.66 -20.53 15.47
C PHE B 381 10.13 -19.14 15.23
N VAL B 382 8.84 -18.98 15.46
CA VAL B 382 8.21 -17.67 15.55
C VAL B 382 8.13 -17.30 17.03
N ILE B 383 8.76 -16.18 17.40
CA ILE B 383 8.75 -15.64 18.75
C ILE B 383 7.49 -14.78 18.91
N ASN B 384 6.62 -15.14 19.84
CA ASN B 384 5.37 -14.42 20.12
C ASN B 384 5.49 -13.75 21.49
N ALA B 385 5.95 -12.49 21.50
CA ALA B 385 6.20 -11.76 22.74
C ALA B 385 4.90 -11.36 23.44
N PRO B 386 4.74 -11.67 24.74
CA PRO B 386 3.56 -11.20 25.50
C PRO B 386 3.35 -9.69 25.52
N LEU B 387 4.42 -8.92 25.54
CA LEU B 387 4.36 -7.47 25.58
C LEU B 387 5.41 -6.95 24.63
N LEU B 388 5.01 -6.06 23.73
CA LEU B 388 5.96 -5.49 22.80
C LEU B 388 6.18 -4.02 23.18
N PRO B 389 7.42 -3.50 23.05
CA PRO B 389 8.62 -4.21 22.60
C PRO B 389 9.35 -4.90 23.73
N ASP B 390 8.91 -4.64 24.98
CA ASP B 390 9.66 -5.03 26.18
C ASP B 390 10.11 -6.49 26.16
N ALA B 391 9.17 -7.42 25.88
CA ALA B 391 9.50 -8.84 26.04
C ALA B 391 10.37 -9.33 24.89
N LEU B 392 10.18 -8.77 23.71
CA LEU B 392 11.07 -9.07 22.59
C LEU B 392 12.44 -8.49 22.84
N GLU B 393 12.50 -7.31 23.47
CA GLU B 393 13.80 -6.75 23.84
C GLU B 393 14.53 -7.67 24.81
N ILE B 394 13.81 -8.25 25.78
CA ILE B 394 14.46 -9.20 26.68
C ILE B 394 14.98 -10.41 25.88
N PHE B 395 14.16 -10.93 24.97
CA PHE B 395 14.58 -12.09 24.20
C PHE B 395 15.81 -11.76 23.36
N VAL B 396 15.82 -10.61 22.71
CA VAL B 396 16.95 -10.24 21.88
C VAL B 396 18.19 -9.99 22.75
N ASP B 397 18.01 -9.37 23.92
CA ASP B 397 19.18 -9.02 24.75
C ASP B 397 19.82 -10.24 25.43
N GLN B 398 19.06 -11.26 25.73
CA GLN B 398 19.53 -12.37 26.55
C GLN B 398 19.49 -13.79 25.97
N VAL B 399 18.56 -14.09 25.12
CA VAL B 399 18.55 -15.42 24.51
C VAL B 399 19.33 -15.42 23.20
N VAL B 400 19.08 -14.47 22.30
CA VAL B 400 19.79 -14.45 21.02
C VAL B 400 21.30 -14.59 21.23
N PRO B 401 21.96 -13.81 22.11
CA PRO B 401 23.41 -13.96 22.30
C PRO B 401 23.84 -15.38 22.69
N ILE B 402 23.03 -16.11 23.45
CA ILE B 402 23.34 -17.51 23.71
C ILE B 402 23.28 -18.31 22.41
N LEU B 403 22.20 -18.17 21.65
CA LEU B 403 22.11 -18.89 20.37
C LEU B 403 23.32 -18.58 19.49
N GLN B 404 23.76 -17.33 19.46
CA GLN B 404 24.89 -16.97 18.62
C GLN B 404 26.20 -17.61 19.12
N SER B 405 26.46 -17.54 20.43
CA SER B 405 27.72 -18.13 20.91
C SER B 405 27.71 -19.65 20.80
N ARG B 406 26.53 -20.27 20.84
CA ARG B 406 26.45 -21.68 20.52
C ARG B 406 26.70 -21.96 19.05
N GLY B 407 26.72 -20.93 18.21
CA GLY B 407 27.00 -21.14 16.81
C GLY B 407 25.82 -21.53 15.96
N VAL B 408 24.58 -21.38 16.44
CA VAL B 408 23.41 -21.81 15.67
C VAL B 408 22.62 -20.66 15.08
N PHE B 409 22.99 -19.41 15.36
CA PHE B 409 22.27 -18.26 14.86
C PHE B 409 23.27 -17.20 14.45
N PRO B 410 23.10 -16.57 13.28
CA PRO B 410 24.10 -15.63 12.79
C PRO B 410 24.23 -14.38 13.66
N ARG B 411 25.43 -13.80 13.61
CA ARG B 411 25.74 -12.50 14.20
C ARG B 411 25.53 -11.33 13.25
N SER B 412 25.33 -11.57 11.95
CA SER B 412 25.23 -10.51 10.97
C SER B 412 24.23 -10.89 9.88
N TYR B 413 23.77 -9.88 9.14
CA TYR B 413 22.95 -10.10 7.95
C TYR B 413 23.90 -10.25 6.75
N THR B 414 24.01 -11.47 6.23
CA THR B 414 24.92 -11.71 5.12
C THR B 414 24.21 -11.78 3.78
N GLU B 415 22.88 -11.71 3.77
CA GLU B 415 22.07 -11.65 2.54
C GLU B 415 21.05 -10.53 2.70
N SER B 416 20.69 -9.88 1.59
CA SER B 416 19.86 -8.69 1.67
C SER B 416 18.41 -8.95 1.27
N THR B 417 18.09 -10.14 0.76
CA THR B 417 16.73 -10.50 0.42
C THR B 417 16.27 -11.63 1.33
N LEU B 418 14.98 -11.68 1.60
CA LEU B 418 14.43 -12.76 2.43
C LEU B 418 14.58 -14.12 1.74
N ARG B 419 14.39 -14.17 0.42
CA ARG B 419 14.53 -15.44 -0.29
C ARG B 419 15.93 -16.02 -0.10
N GLU B 420 16.97 -15.21 -0.30
CA GLU B 420 18.34 -15.72 -0.17
C GLU B 420 18.71 -15.94 1.29
N ARG B 421 18.28 -15.05 2.18
CA ARG B 421 18.50 -15.26 3.61
C ARG B 421 17.99 -16.63 4.07
N LEU B 422 16.79 -17.01 3.65
CA LEU B 422 16.23 -18.30 4.04
C LEU B 422 16.83 -19.46 3.26
N GLY B 423 17.75 -19.20 2.34
CA GLY B 423 18.37 -20.26 1.56
C GLY B 423 17.41 -20.99 0.66
N LEU B 424 16.29 -20.36 0.29
CA LEU B 424 15.31 -20.94 -0.59
C LEU B 424 15.72 -20.79 -2.04
N PRO B 425 15.14 -21.59 -2.95
CA PRO B 425 15.50 -21.51 -4.37
C PRO B 425 14.99 -20.25 -5.04
N ARG B 426 15.70 -19.85 -6.09
CA ARG B 426 15.40 -18.60 -6.79
C ARG B 426 14.06 -18.67 -7.49
N ASN B 427 13.73 -19.82 -8.09
CA ASN B 427 12.43 -20.06 -8.72
C ASN B 427 11.76 -21.18 -7.92
N PRO B 428 10.89 -20.84 -6.96
CA PRO B 428 10.42 -21.86 -6.03
C PRO B 428 9.51 -22.90 -6.66
N LEU B 429 8.84 -22.60 -7.78
CA LEU B 429 7.89 -23.56 -8.32
C LEU B 429 8.60 -24.75 -8.94
N GLY B 430 9.71 -24.52 -9.64
CA GLY B 430 10.50 -25.59 -10.20
C GLY B 430 11.17 -25.26 -11.52
O1 PE4 C . -9.99 18.26 -22.45
C1 PE4 C . -9.96 19.57 -21.95
C2 PE4 C . -11.19 20.32 -22.44
O2 PE4 C . -11.46 21.40 -21.58
C3 PE4 C . -12.73 21.47 -20.98
C4 PE4 C . -12.71 22.47 -19.81
O3 PE4 C . -11.93 21.94 -18.76
C5 PE4 C . -11.81 22.73 -17.59
C6 PE4 C . -10.89 22.03 -16.57
O4 PE4 C . -10.61 20.69 -16.95
C7 PE4 C . -11.15 19.63 -16.18
C8 PE4 C . -10.62 18.28 -16.69
O5 PE4 C . -9.63 17.78 -15.83
C9 PE4 C . -8.82 16.78 -16.39
C10 PE4 C . -7.92 16.20 -15.30
O6 PE4 C . -6.64 16.79 -15.32
C11 PE4 C . -5.55 15.94 -15.05
C12 PE4 C . -5.69 15.16 -13.72
O7 PE4 C . -4.74 14.11 -13.66
C13 PE4 C . -5.19 12.78 -13.83
C14 PE4 C . -4.77 11.90 -12.64
O8 PE4 C . -5.39 10.64 -12.67
C15 PE4 C . -4.91 9.69 -11.73
C16 PE4 C . -4.59 8.30 -12.33
HO1 PE4 C . -10.01 17.70 -21.81
H11 PE4 C . -9.15 20.01 -22.26
H12 PE4 C . -9.94 19.54 -20.98
H21 PE4 C . -11.03 20.66 -23.34
H22 PE4 C . -11.96 19.73 -22.45
H31 PE4 C . -12.97 20.58 -20.64
H32 PE4 C . -13.39 21.75 -21.63
H41 PE4 C . -13.62 22.63 -19.50
H42 PE4 C . -12.32 23.31 -20.11
H51 PE4 C . -11.44 23.59 -17.83
H52 PE4 C . -12.70 22.85 -17.20
H61 PE4 C . -10.06 22.53 -16.50
H62 PE4 C . -11.33 22.02 -15.71
H71 PE4 C . -10.90 19.75 -15.25
H72 PE4 C . -12.12 19.64 -16.25
H81 PE4 C . -11.35 17.66 -16.74
H82 PE4 C . -10.24 18.41 -17.58
H91 PE4 C . -9.38 16.08 -16.76
H92 PE4 C . -8.27 17.17 -17.09
H101 PE4 C . -8.32 16.35 -14.44
H102 PE4 C . -7.82 15.25 -15.45
H111 PE4 C . -4.74 16.48 -15.02
H112 PE4 C . -5.46 15.30 -15.77
H121 PE4 C . -5.54 15.77 -12.98
H122 PE4 C . -6.58 14.79 -13.65
H131 PE4 C . -6.16 12.78 -13.90
H132 PE4 C . -4.81 12.41 -14.64
H141 PE4 C . -3.81 11.79 -12.65
H142 PE4 C . -5.02 12.36 -11.81
H151 PE4 C . -4.10 10.05 -11.33
H152 PE4 C . -5.58 9.59 -11.04
H161 PE4 C . -4.06 8.41 -13.13
H162 PE4 C . -4.10 7.77 -11.68
H163 PE4 C . -5.42 7.84 -12.55
S SO4 D . -14.75 11.56 -16.68
O1 SO4 D . -15.42 11.30 -17.95
O2 SO4 D . -13.39 12.03 -16.96
O3 SO4 D . -15.46 12.57 -15.89
O4 SO4 D . -14.70 10.31 -15.93
#